data_8SB7
#
_entry.id   8SB7
#
_cell.length_a   1.00
_cell.length_b   1.00
_cell.length_c   1.00
_cell.angle_alpha   90.00
_cell.angle_beta   90.00
_cell.angle_gamma   90.00
#
_symmetry.space_group_name_H-M   'P 1'
#
loop_
_entity.id
_entity.type
_entity.pdbx_description
1 polymer 'ATP-dependent translocase ABCB1'
2 non-polymer "ADENOSINE-5'-TRIPHOSPHATE"
3 non-polymer 'MAGNESIUM ION'
4 non-polymer Dexverapamil
#
_entity_poly.entity_id   1
_entity_poly.type   'polypeptide(L)'
_entity_poly.pdbx_seq_one_letter_code
;MDLEGDRNGGAKKKNFFKLNNKSEKDKKEKKPTVSVFSMFRYSNWLDKLYMVVGTLAAIIHGAGLPLMMLVFGEMTDIFA
NAGNLEDLMSNITNRSDINDTGFFMNLEEDMTRYAYYYSGIGAGVLVAAYIQVSFWCLAAGRQIHKIRKQFFHAIMRQEI
GWFDVHDVGELNTRLTDDVSKINEGIGDKIGMFFQSMATFFTGFIVGFTRGWKLTLVILAISPVLGLSAAVWAKILSSFT
DKELLAYAKAGAVAEEVLAAIRTVIAFGGQKKELERYNKNLEEAKRIGIKKAITANISIGAAFLLIYASYALAFWYGTTL
VLSGEYSIGQVLTVFFSVLIGAFSVGQASPSIEAFANARGAAYEIFKIIDNKPSIDSYSKSGHKPDNIKGNLEFRNVHFS
YPSRKEVKILKGLNLKVQSGQTVALVGNSGCGKSTTVQLMQRLYDPTEGMVSVDGQDIRTINVRFLREIIGVVSQEPVLF
ATTIAENIRYGRENVTMDEIEKAVKEANAYDFIMKLPHKFDTLVGERGAQLSGGQKQRIAIARALVRNPKILLLDEATSA
LDTESEAVVQVALDKARKGRTTIVIAHRLSTVRNADVIAGFDDGVIVEKGNHDELMKEKGIYFKLVTMQTAGNEVELENA
ADESKSEIDALEMSSNDSRSSLIRKRSTRRSVRGSQAQDRKLSTKEALDESIPPVSFWRIMKLNLTEWPYFVVGVFCAII
NGGLQPAFAIIFSKIIGVFTRIDDPETKRQNSNLFSLLFLALGIISFITFFLQGFTFGKAGEILTKRLRYMVFRSMLRQD
VSWFDDPKNTTGALTTRLANDAAQVKGAIGSRLAVITQNIANLGTGIIISFIYGWQLTLLLLAIVPIIAIAGVVEMKMLS
GQALKDKKELEGSGKIATEAIENFRTVVSLTQEQKFEHMYAQSLQVPYRNSLRKAHIFGITFSFTQAMMYFSYAGCFRFG
AYLVAHKLMSFEDVLLVFSAVVFGAMAVGQVSSFAPDYAKAKISAAHIIMIIEKTPLIDSYSTEGLMPNTLEGNVTFGEV
VFNYPTRPDIPVLQGLSLEVKKGQTLALVGSSGCGKSTVVQLLERFYDPLAGKVLLDGKEIKRLNVQWLRAHLGIVSQEP
ILFDCSIAENIAYGDNSRVVSQEEIVRAAKEANIHAFIESLPNKYSTKVGDKGTQLSGGQKQRIAIARALVRQPHILLLD
EATSALDTESEKVVQEALDKAREGRTCIVIAHRLSTIQNADLIVVFQNGRVKEHGTHQQLLAQKGIYFSMVSVQAGTKRQ
;
_entity_poly.pdbx_strand_id   A
#
# COMPACT_ATOMS: atom_id res chain seq x y z
N PHE A 37 -11.41 -14.86 23.17
CA PHE A 37 -11.97 -13.51 23.16
C PHE A 37 -13.31 -13.50 22.44
N SER A 38 -14.10 -14.56 22.64
CA SER A 38 -15.37 -14.69 21.92
C SER A 38 -16.25 -13.46 22.14
N MET A 39 -16.18 -12.85 23.32
CA MET A 39 -16.95 -11.65 23.62
C MET A 39 -15.96 -10.48 23.64
N PHE A 40 -15.76 -9.87 22.48
CA PHE A 40 -14.85 -8.75 22.33
C PHE A 40 -15.59 -7.41 22.24
N ARG A 41 -16.86 -7.39 22.66
CA ARG A 41 -17.66 -6.17 22.68
C ARG A 41 -17.98 -5.85 24.13
N TYR A 42 -17.72 -4.60 24.53
CA TYR A 42 -17.73 -4.27 25.95
C TYR A 42 -18.37 -2.92 26.27
N SER A 43 -19.13 -2.33 25.36
CA SER A 43 -19.55 -0.94 25.49
C SER A 43 -21.05 -0.80 25.46
N ASN A 44 -21.57 0.04 26.36
CA ASN A 44 -22.92 0.60 26.25
C ASN A 44 -23.99 -0.50 26.22
N TRP A 45 -24.15 -1.13 27.38
CA TRP A 45 -25.15 -2.18 27.57
C TRP A 45 -26.42 -1.92 26.75
N LEU A 46 -26.89 -0.68 26.74
CA LEU A 46 -27.99 -0.32 25.85
C LEU A 46 -27.67 -0.72 24.40
N ASP A 47 -26.41 -0.54 24.00
CA ASP A 47 -26.00 -1.05 22.68
C ASP A 47 -26.10 -2.56 22.62
N LYS A 48 -25.88 -3.24 23.74
CA LYS A 48 -26.09 -4.69 23.77
C LYS A 48 -27.55 -5.03 23.49
N LEU A 49 -28.47 -4.25 24.07
CA LEU A 49 -29.89 -4.44 23.77
C LEU A 49 -30.17 -4.18 22.30
N TYR A 50 -29.55 -3.13 21.74
CA TYR A 50 -29.72 -2.85 20.32
C TYR A 50 -29.23 -4.01 19.47
N MET A 51 -28.09 -4.59 19.84
CA MET A 51 -27.56 -5.72 19.08
C MET A 51 -28.47 -6.94 19.19
N VAL A 52 -29.07 -7.14 20.37
CA VAL A 52 -29.99 -8.26 20.54
C VAL A 52 -31.24 -8.03 19.69
N VAL A 53 -31.69 -6.78 19.61
CA VAL A 53 -32.80 -6.45 18.72
C VAL A 53 -32.43 -6.78 17.28
N GLY A 54 -31.22 -6.42 16.88
CA GLY A 54 -30.77 -6.75 15.54
C GLY A 54 -30.73 -8.25 15.29
N THR A 55 -30.28 -9.01 16.30
CA THR A 55 -30.24 -10.47 16.17
C THR A 55 -31.65 -11.03 15.99
N LEU A 56 -32.59 -10.55 16.79
CA LEU A 56 -33.98 -11.00 16.63
C LEU A 56 -34.51 -10.65 15.25
N ALA A 57 -34.19 -9.46 14.76
CA ALA A 57 -34.61 -9.07 13.41
C ALA A 57 -34.01 -9.99 12.36
N ALA A 58 -32.74 -10.35 12.53
CA ALA A 58 -32.11 -11.27 11.60
C ALA A 58 -32.81 -12.62 11.60
N ILE A 59 -33.14 -13.12 12.79
CA ILE A 59 -33.88 -14.37 12.88
C ILE A 59 -35.22 -14.25 12.16
N ILE A 60 -35.89 -13.11 12.33
CA ILE A 60 -37.19 -12.91 11.71
C ILE A 60 -37.06 -12.95 10.19
N HIS A 61 -36.07 -12.24 9.65
CA HIS A 61 -35.86 -12.21 8.21
C HIS A 61 -35.58 -13.62 7.67
N GLY A 62 -34.68 -14.34 8.35
CA GLY A 62 -34.33 -15.68 7.91
C GLY A 62 -35.55 -16.59 7.90
N ALA A 63 -36.32 -16.59 8.98
CA ALA A 63 -37.54 -17.39 9.00
C ALA A 63 -38.51 -16.94 7.94
N GLY A 64 -38.54 -15.64 7.63
CA GLY A 64 -39.52 -15.14 6.69
C GLY A 64 -39.32 -15.67 5.29
N LEU A 65 -38.06 -15.66 4.82
CA LEU A 65 -37.83 -16.01 3.41
C LEU A 65 -38.42 -17.38 3.05
N PRO A 66 -37.99 -18.49 3.66
CA PRO A 66 -38.64 -19.77 3.35
C PRO A 66 -40.12 -19.77 3.66
N LEU A 67 -40.59 -18.92 4.57
CA LEU A 67 -42.03 -18.79 4.74
C LEU A 67 -42.68 -18.30 3.46
N MET A 68 -42.07 -17.30 2.81
CA MET A 68 -42.56 -16.85 1.51
C MET A 68 -42.50 -18.00 0.51
N MET A 69 -41.45 -18.82 0.57
CA MET A 69 -41.37 -19.94 -0.36
C MET A 69 -42.50 -20.93 -0.13
N LEU A 70 -42.82 -21.21 1.13
CA LEU A 70 -43.91 -22.12 1.44
C LEU A 70 -45.24 -21.56 0.96
N VAL A 71 -45.44 -20.24 1.11
CA VAL A 71 -46.67 -19.64 0.59
C VAL A 71 -46.71 -19.76 -0.92
N PHE A 72 -45.55 -19.67 -1.59
CA PHE A 72 -45.51 -19.93 -3.02
C PHE A 72 -45.95 -21.35 -3.32
N GLY A 73 -45.48 -22.31 -2.53
CA GLY A 73 -45.92 -23.68 -2.70
C GLY A 73 -47.43 -23.81 -2.59
N GLU A 74 -48.01 -23.15 -1.59
CA GLU A 74 -49.46 -23.21 -1.42
C GLU A 74 -50.19 -22.57 -2.60
N MET A 75 -49.69 -21.44 -3.09
CA MET A 75 -50.30 -20.80 -4.24
C MET A 75 -50.24 -21.71 -5.47
N THR A 76 -49.11 -22.37 -5.67
CA THR A 76 -48.99 -23.32 -6.76
C THR A 76 -49.99 -24.47 -6.59
N ASP A 77 -50.14 -24.94 -5.35
CA ASP A 77 -51.07 -26.04 -5.10
C ASP A 77 -52.49 -25.64 -5.47
N ILE A 78 -52.91 -24.44 -5.07
CA ILE A 78 -54.27 -24.01 -5.40
C ILE A 78 -54.41 -23.81 -6.90
N PHE A 79 -53.38 -23.27 -7.53
CA PHE A 79 -53.37 -23.05 -9.01
C PHE A 79 -53.59 -24.39 -9.70
N ALA A 80 -52.86 -25.42 -9.27
CA ALA A 80 -52.99 -26.75 -9.86
C ALA A 80 -54.38 -27.33 -9.60
N ASN A 81 -54.90 -27.16 -8.38
CA ASN A 81 -56.26 -27.59 -8.09
C ASN A 81 -57.24 -26.94 -9.06
N ALA A 82 -56.96 -25.70 -9.45
CA ALA A 82 -57.78 -25.00 -10.42
C ALA A 82 -57.56 -25.50 -11.85
N GLY A 83 -56.85 -26.61 -12.03
CA GLY A 83 -56.64 -27.15 -13.36
C GLY A 83 -57.89 -27.74 -14.00
N ASN A 84 -58.95 -27.94 -13.22
CA ASN A 84 -60.20 -28.47 -13.76
C ASN A 84 -60.74 -27.56 -14.86
N ASN A 106 -64.54 -19.82 -8.14
CA ASN A 106 -63.82 -18.61 -8.53
C ASN A 106 -62.49 -18.51 -7.78
N LEU A 107 -61.40 -18.82 -8.48
CA LEU A 107 -59.98 -18.86 -8.15
C LEU A 107 -59.46 -17.48 -7.78
N GLU A 108 -59.95 -16.44 -8.45
CA GLU A 108 -59.41 -15.10 -8.24
C GLU A 108 -59.42 -14.72 -6.77
N GLU A 109 -60.45 -15.14 -6.03
CA GLU A 109 -60.52 -14.82 -4.61
C GLU A 109 -59.38 -15.47 -3.85
N ASP A 110 -59.10 -16.75 -4.13
CA ASP A 110 -58.01 -17.42 -3.45
C ASP A 110 -56.67 -16.78 -3.80
N MET A 111 -56.50 -16.38 -5.07
CA MET A 111 -55.27 -15.71 -5.47
C MET A 111 -55.12 -14.38 -4.73
N THR A 112 -56.21 -13.63 -4.58
CA THR A 112 -56.15 -12.38 -3.84
C THR A 112 -55.76 -12.64 -2.38
N ARG A 113 -56.31 -13.69 -1.77
CA ARG A 113 -55.93 -14.02 -0.40
C ARG A 113 -54.43 -14.35 -0.31
N TYR A 114 -53.94 -15.14 -1.26
CA TYR A 114 -52.51 -15.47 -1.27
C TYR A 114 -51.67 -14.23 -1.45
N ALA A 115 -52.11 -13.31 -2.31
CA ALA A 115 -51.37 -12.06 -2.51
C ALA A 115 -51.37 -11.24 -1.24
N TYR A 116 -52.48 -11.23 -0.50
CA TYR A 116 -52.51 -10.53 0.78
C TYR A 116 -51.49 -11.15 1.75
N TYR A 117 -51.41 -12.48 1.76
CA TYR A 117 -50.40 -13.13 2.60
C TYR A 117 -49.00 -12.71 2.18
N TYR A 118 -48.75 -12.68 0.87
CA TYR A 118 -47.45 -12.25 0.37
C TYR A 118 -47.14 -10.82 0.81
N SER A 119 -48.12 -9.94 0.70
CA SER A 119 -47.89 -8.54 1.07
C SER A 119 -47.59 -8.42 2.56
N GLY A 120 -48.31 -9.16 3.39
CA GLY A 120 -48.02 -9.14 4.81
C GLY A 120 -46.60 -9.60 5.09
N ILE A 121 -46.19 -10.71 4.47
CA ILE A 121 -44.83 -11.20 4.68
C ILE A 121 -43.81 -10.22 4.15
N GLY A 122 -44.12 -9.54 3.05
CA GLY A 122 -43.20 -8.57 2.50
C GLY A 122 -43.02 -7.38 3.43
N ALA A 123 -44.11 -6.87 4.00
CA ALA A 123 -44.01 -5.79 4.97
C ALA A 123 -43.20 -6.23 6.19
N GLY A 124 -43.46 -7.44 6.68
CA GLY A 124 -42.67 -7.97 7.76
C GLY A 124 -41.19 -8.03 7.42
N VAL A 125 -40.89 -8.48 6.20
CA VAL A 125 -39.49 -8.56 5.77
C VAL A 125 -38.87 -7.17 5.71
N LEU A 126 -39.62 -6.20 5.20
CA LEU A 126 -39.11 -4.83 5.14
C LEU A 126 -38.72 -4.36 6.53
N VAL A 127 -39.66 -4.45 7.47
CA VAL A 127 -39.38 -3.95 8.81
C VAL A 127 -38.23 -4.73 9.44
N ALA A 128 -38.22 -6.05 9.28
CA ALA A 128 -37.19 -6.87 9.92
C ALA A 128 -35.82 -6.56 9.36
N ALA A 129 -35.68 -6.47 8.04
CA ALA A 129 -34.40 -6.17 7.44
C ALA A 129 -33.91 -4.79 7.83
N TYR A 130 -34.82 -3.80 7.81
CA TYR A 130 -34.43 -2.46 8.23
C TYR A 130 -33.93 -2.49 9.66
N ILE A 131 -34.67 -3.15 10.56
CA ILE A 131 -34.24 -3.21 11.95
C ILE A 131 -32.87 -3.86 12.04
N GLN A 132 -32.69 -5.01 11.40
CA GLN A 132 -31.42 -5.71 11.46
C GLN A 132 -30.28 -4.79 11.08
N VAL A 133 -30.30 -4.30 9.84
CA VAL A 133 -29.16 -3.54 9.35
C VAL A 133 -28.98 -2.27 10.18
N SER A 134 -30.06 -1.53 10.41
CA SER A 134 -29.95 -0.25 11.10
C SER A 134 -29.41 -0.44 12.51
N PHE A 135 -30.00 -1.36 13.27
CA PHE A 135 -29.58 -1.57 14.65
C PHE A 135 -28.15 -2.06 14.73
N TRP A 136 -27.78 -3.04 13.90
CA TRP A 136 -26.41 -3.54 13.95
C TRP A 136 -25.43 -2.43 13.58
N CYS A 137 -25.73 -1.66 12.55
CA CYS A 137 -24.81 -0.60 12.13
C CYS A 137 -24.70 0.48 13.19
N LEU A 138 -25.81 0.85 13.83
CA LEU A 138 -25.76 1.84 14.90
C LEU A 138 -24.93 1.32 16.08
N ALA A 139 -25.13 0.05 16.44
CA ALA A 139 -24.35 -0.53 17.52
C ALA A 139 -22.87 -0.53 17.16
N ALA A 140 -22.55 -0.89 15.91
CA ALA A 140 -21.16 -0.88 15.49
C ALA A 140 -20.59 0.52 15.52
N GLY A 141 -21.35 1.51 15.08
CA GLY A 141 -20.87 2.88 15.15
C GLY A 141 -20.55 3.29 16.57
N ARG A 142 -21.45 3.00 17.50
CA ARG A 142 -21.21 3.33 18.89
C ARG A 142 -19.97 2.63 19.41
N GLN A 143 -19.86 1.33 19.15
CA GLN A 143 -18.73 0.55 19.63
C GLN A 143 -17.42 1.11 19.07
N ILE A 144 -17.40 1.42 17.77
CA ILE A 144 -16.17 1.88 17.14
C ILE A 144 -15.81 3.27 17.65
N HIS A 145 -16.79 4.14 17.83
CA HIS A 145 -16.49 5.45 18.39
C HIS A 145 -15.85 5.31 19.76
N LYS A 146 -16.48 4.52 20.63
CA LYS A 146 -15.94 4.37 21.98
C LYS A 146 -14.55 3.76 21.96
N ILE A 147 -14.35 2.72 21.15
CA ILE A 147 -13.07 2.03 21.15
C ILE A 147 -11.98 2.91 20.55
N ARG A 148 -12.32 3.70 19.53
CA ARG A 148 -11.32 4.60 18.96
C ARG A 148 -10.90 5.66 19.97
N LYS A 149 -11.88 6.24 20.69
CA LYS A 149 -11.53 7.19 21.74
C LYS A 149 -10.63 6.53 22.78
N GLN A 150 -11.01 5.35 23.25
CA GLN A 150 -10.22 4.66 24.26
C GLN A 150 -8.83 4.35 23.75
N PHE A 151 -8.73 3.91 22.50
CA PHE A 151 -7.44 3.53 21.93
C PHE A 151 -6.52 4.73 21.83
N PHE A 152 -7.03 5.85 21.33
CA PHE A 152 -6.18 7.04 21.24
C PHE A 152 -5.77 7.51 22.63
N HIS A 153 -6.70 7.48 23.60
CA HIS A 153 -6.33 7.89 24.94
C HIS A 153 -5.27 6.99 25.54
N ALA A 154 -5.39 5.68 25.33
CA ALA A 154 -4.38 4.76 25.83
C ALA A 154 -3.03 5.03 25.17
N ILE A 155 -3.03 5.28 23.87
CA ILE A 155 -1.79 5.63 23.19
C ILE A 155 -1.15 6.84 23.85
N MET A 156 -1.95 7.86 24.10
CA MET A 156 -1.44 9.02 24.83
C MET A 156 -0.91 8.62 26.19
N ARG A 157 -1.52 7.61 26.83
CA ARG A 157 -1.10 7.20 28.16
C ARG A 157 0.18 6.39 28.15
N GLN A 158 0.55 5.80 27.01
CA GLN A 158 1.70 4.92 26.96
C GLN A 158 2.96 5.65 27.44
N GLU A 159 3.96 4.86 27.81
CA GLU A 159 5.22 5.38 28.32
C GLU A 159 6.17 5.69 27.17
N ILE A 160 7.08 6.65 27.41
CA ILE A 160 8.04 7.02 26.39
C ILE A 160 8.80 5.79 25.91
N GLY A 161 9.21 4.93 26.85
CA GLY A 161 9.85 3.68 26.45
C GLY A 161 8.97 2.84 25.57
N TRP A 162 7.67 2.79 25.88
CA TRP A 162 6.76 2.03 25.03
C TRP A 162 6.76 2.57 23.61
N PHE A 163 6.59 3.88 23.46
CA PHE A 163 6.55 4.46 22.12
C PHE A 163 7.86 4.25 21.39
N ASP A 164 8.98 4.30 22.10
CA ASP A 164 10.26 4.02 21.47
C ASP A 164 10.34 2.59 20.98
N VAL A 165 9.84 1.64 21.77
CA VAL A 165 9.95 0.23 21.41
C VAL A 165 9.14 -0.06 20.17
N HIS A 166 7.91 0.45 20.10
CA HIS A 166 7.03 0.21 18.96
C HIS A 166 7.21 1.30 17.91
N ASP A 167 7.25 0.90 16.64
CA ASP A 167 7.37 1.86 15.56
C ASP A 167 6.21 2.83 15.58
N VAL A 168 6.51 4.13 15.47
CA VAL A 168 5.46 5.13 15.46
C VAL A 168 4.57 4.95 14.24
N GLY A 169 5.17 4.70 13.09
CA GLY A 169 4.37 4.46 11.89
C GLY A 169 3.48 3.24 12.03
N GLU A 170 3.99 2.19 12.65
CA GLU A 170 3.18 1.00 12.88
C GLU A 170 1.96 1.33 13.72
N LEU A 171 2.13 2.13 14.78
CA LEU A 171 1.01 2.46 15.65
C LEU A 171 0.01 3.38 14.94
N ASN A 172 0.52 4.34 14.16
CA ASN A 172 -0.39 5.20 13.41
C ASN A 172 -1.22 4.39 12.42
N THR A 173 -0.57 3.46 11.71
CA THR A 173 -1.32 2.59 10.81
C THR A 173 -2.29 1.71 11.59
N ARG A 174 -1.90 1.28 12.78
CA ARG A 174 -2.82 0.51 13.63
C ARG A 174 -4.09 1.30 13.86
N LEU A 175 -3.95 2.52 14.34
CA LEU A 175 -5.13 3.36 14.59
C LEU A 175 -5.93 3.56 13.31
N THR A 176 -5.24 3.79 12.19
CA THR A 176 -5.93 4.09 10.95
C THR A 176 -6.75 2.89 10.44
N ASP A 177 -6.19 1.69 10.51
CA ASP A 177 -6.72 0.55 9.78
C ASP A 177 -7.32 -0.53 10.66
N ASP A 178 -6.71 -0.88 11.79
CA ASP A 178 -7.23 -1.98 12.58
C ASP A 178 -8.63 -1.69 13.09
N VAL A 179 -8.87 -0.46 13.53
CA VAL A 179 -10.21 -0.12 14.02
C VAL A 179 -11.23 -0.24 12.89
N SER A 180 -10.88 0.24 11.71
CA SER A 180 -11.79 0.14 10.58
C SER A 180 -12.06 -1.33 10.23
N LYS A 181 -11.02 -2.17 10.29
CA LYS A 181 -11.22 -3.58 10.02
C LYS A 181 -12.13 -4.21 11.07
N ILE A 182 -11.97 -3.83 12.33
CA ILE A 182 -12.87 -4.31 13.36
C ILE A 182 -14.30 -3.92 13.02
N ASN A 183 -14.50 -2.67 12.65
CA ASN A 183 -15.84 -2.21 12.27
C ASN A 183 -16.40 -3.07 11.14
N GLU A 184 -15.61 -3.23 10.07
CA GLU A 184 -16.08 -3.99 8.92
C GLU A 184 -16.46 -5.41 9.31
N GLY A 185 -15.69 -6.02 10.20
CA GLY A 185 -15.96 -7.37 10.63
C GLY A 185 -16.97 -7.48 11.74
N ILE A 186 -17.47 -6.37 12.26
CA ILE A 186 -18.45 -6.40 13.34
C ILE A 186 -19.62 -5.48 12.99
N GLY A 187 -19.53 -4.80 11.84
CA GLY A 187 -20.54 -3.83 11.47
C GLY A 187 -21.88 -4.44 11.12
N ASP A 188 -21.94 -5.12 9.98
CA ASP A 188 -23.17 -5.76 9.52
C ASP A 188 -22.98 -7.21 9.15
N LYS A 189 -21.76 -7.63 8.82
CA LYS A 189 -21.55 -9.01 8.41
C LYS A 189 -22.04 -9.99 9.46
N ILE A 190 -22.00 -9.60 10.74
CA ILE A 190 -22.52 -10.46 11.79
C ILE A 190 -24.03 -10.63 11.64
N GLY A 191 -24.73 -9.53 11.34
CA GLY A 191 -26.15 -9.65 11.08
C GLY A 191 -26.44 -10.57 9.92
N MET A 192 -25.63 -10.49 8.87
CA MET A 192 -25.81 -11.39 7.74
C MET A 192 -25.55 -12.82 8.14
N PHE A 193 -24.56 -13.07 9.00
CA PHE A 193 -24.33 -14.41 9.51
C PHE A 193 -25.56 -14.95 10.21
N PHE A 194 -26.11 -14.16 11.14
CA PHE A 194 -27.27 -14.62 11.87
C PHE A 194 -28.45 -14.85 10.93
N GLN A 195 -28.66 -13.95 9.97
CA GLN A 195 -29.76 -14.11 9.03
C GLN A 195 -29.58 -15.38 8.20
N SER A 196 -28.36 -15.65 7.74
CA SER A 196 -28.12 -16.85 6.95
C SER A 196 -28.35 -18.10 7.78
N MET A 197 -27.88 -18.12 9.02
CA MET A 197 -28.11 -19.27 9.88
C MET A 197 -29.59 -19.49 10.10
N ALA A 198 -30.33 -18.42 10.36
CA ALA A 198 -31.77 -18.54 10.55
C ALA A 198 -32.44 -19.06 9.30
N THR A 199 -32.01 -18.57 8.13
CA THR A 199 -32.58 -19.04 6.88
C THR A 199 -32.33 -20.53 6.69
N PHE A 200 -31.12 -20.99 6.97
CA PHE A 200 -30.82 -22.41 6.84
C PHE A 200 -31.72 -23.23 7.77
N PHE A 201 -31.78 -22.85 9.04
CA PHE A 201 -32.56 -23.62 10.00
C PHE A 201 -34.04 -23.62 9.63
N THR A 202 -34.58 -22.47 9.25
CA THR A 202 -36.01 -22.42 8.93
C THR A 202 -36.30 -23.14 7.62
N GLY A 203 -35.37 -23.13 6.66
CA GLY A 203 -35.56 -23.93 5.47
C GLY A 203 -35.63 -25.41 5.79
N PHE A 204 -34.74 -25.89 6.66
CA PHE A 204 -34.81 -27.27 7.08
C PHE A 204 -36.11 -27.57 7.82
N ILE A 205 -36.53 -26.65 8.69
CA ILE A 205 -37.75 -26.86 9.46
C ILE A 205 -38.94 -26.97 8.52
N VAL A 206 -39.03 -26.06 7.55
CA VAL A 206 -40.14 -26.08 6.60
C VAL A 206 -40.09 -27.34 5.75
N GLY A 207 -38.91 -27.73 5.29
CA GLY A 207 -38.81 -28.95 4.50
C GLY A 207 -39.29 -30.16 5.26
N PHE A 208 -38.87 -30.30 6.52
CA PHE A 208 -39.32 -31.42 7.32
C PHE A 208 -40.83 -31.36 7.55
N THR A 209 -41.35 -30.17 7.86
CA THR A 209 -42.77 -30.06 8.19
C THR A 209 -43.64 -30.39 6.99
N ARG A 210 -43.29 -29.89 5.81
CA ARG A 210 -44.10 -30.10 4.62
C ARG A 210 -43.72 -31.37 3.86
N GLY A 211 -42.66 -32.05 4.27
CA GLY A 211 -42.25 -33.27 3.59
C GLY A 211 -41.29 -34.06 4.46
N TRP A 212 -41.26 -35.36 4.23
CA TRP A 212 -40.36 -36.27 4.95
C TRP A 212 -39.40 -36.98 4.02
N LYS A 213 -39.88 -37.53 2.91
CA LYS A 213 -39.01 -38.27 2.01
C LYS A 213 -38.24 -37.32 1.09
N LEU A 214 -38.94 -36.41 0.42
CA LEU A 214 -38.26 -35.47 -0.46
C LEU A 214 -37.24 -34.65 0.31
N THR A 215 -37.62 -34.17 1.49
CA THR A 215 -36.68 -33.41 2.30
C THR A 215 -35.46 -34.25 2.64
N LEU A 216 -35.66 -35.53 3.00
CA LEU A 216 -34.53 -36.38 3.36
C LEU A 216 -33.59 -36.56 2.18
N VAL A 217 -34.12 -36.84 1.00
CA VAL A 217 -33.26 -37.05 -0.16
C VAL A 217 -32.50 -35.77 -0.50
N ILE A 218 -33.18 -34.63 -0.46
CA ILE A 218 -32.50 -33.39 -0.84
C ILE A 218 -31.44 -33.03 0.19
N LEU A 219 -31.71 -33.28 1.48
CA LEU A 219 -30.73 -32.99 2.50
C LEU A 219 -29.54 -33.94 2.40
N ALA A 220 -29.77 -35.18 1.95
CA ALA A 220 -28.66 -36.09 1.71
C ALA A 220 -27.87 -35.70 0.46
N ILE A 221 -28.50 -35.00 -0.48
CA ILE A 221 -27.80 -34.62 -1.70
C ILE A 221 -27.00 -33.34 -1.51
N SER A 222 -27.57 -32.36 -0.83
CA SER A 222 -26.96 -31.04 -0.74
C SER A 222 -25.51 -31.05 -0.28
N PRO A 223 -25.14 -31.81 0.75
CA PRO A 223 -23.72 -31.82 1.16
C PRO A 223 -22.80 -32.21 0.03
N VAL A 224 -23.24 -33.04 -0.90
CA VAL A 224 -22.40 -33.38 -2.05
C VAL A 224 -22.05 -32.11 -2.83
N LEU A 225 -23.07 -31.29 -3.13
CA LEU A 225 -22.82 -30.06 -3.86
C LEU A 225 -21.94 -29.12 -3.07
N GLY A 226 -22.19 -28.99 -1.76
CA GLY A 226 -21.36 -28.12 -0.95
C GLY A 226 -19.91 -28.55 -0.95
N LEU A 227 -19.67 -29.85 -0.76
CA LEU A 227 -18.32 -30.37 -0.77
C LEU A 227 -17.65 -30.14 -2.11
N SER A 228 -18.39 -30.36 -3.20
CA SER A 228 -17.82 -30.14 -4.53
C SER A 228 -17.40 -28.68 -4.70
N ALA A 229 -18.26 -27.76 -4.28
CA ALA A 229 -17.95 -26.34 -4.41
C ALA A 229 -16.71 -25.98 -3.59
N ALA A 230 -16.66 -26.46 -2.35
CA ALA A 230 -15.51 -26.15 -1.51
C ALA A 230 -14.23 -26.72 -2.09
N VAL A 231 -14.29 -27.95 -2.60
CA VAL A 231 -13.10 -28.58 -3.19
C VAL A 231 -12.63 -27.80 -4.39
N TRP A 232 -13.56 -27.36 -5.25
CA TRP A 232 -13.17 -26.61 -6.42
C TRP A 232 -12.55 -25.26 -6.02
N ALA A 233 -13.10 -24.61 -5.01
CA ALA A 233 -12.50 -23.38 -4.53
C ALA A 233 -11.08 -23.63 -4.02
N LYS A 234 -10.89 -24.73 -3.28
CA LYS A 234 -9.56 -25.03 -2.74
C LYS A 234 -8.56 -25.25 -3.85
N ILE A 235 -8.93 -26.06 -4.86
CA ILE A 235 -8.00 -26.31 -5.95
C ILE A 235 -7.75 -25.04 -6.74
N LEU A 236 -8.75 -24.17 -6.88
CA LEU A 236 -8.53 -22.89 -7.54
C LEU A 236 -7.50 -22.06 -6.80
N SER A 237 -7.61 -22.01 -5.47
CA SER A 237 -6.63 -21.27 -4.68
C SER A 237 -5.24 -21.86 -4.83
N SER A 238 -5.14 -23.18 -4.83
CA SER A 238 -3.84 -23.82 -5.00
C SER A 238 -3.24 -23.46 -6.35
N PHE A 239 -4.05 -23.48 -7.41
CA PHE A 239 -3.57 -23.09 -8.72
C PHE A 239 -3.16 -21.62 -8.76
N THR A 240 -3.88 -20.77 -8.02
CA THR A 240 -3.50 -19.37 -7.92
C THR A 240 -2.10 -19.24 -7.32
N ASP A 241 -1.86 -19.93 -6.21
CA ASP A 241 -0.54 -19.89 -5.59
C ASP A 241 0.52 -20.41 -6.55
N LYS A 242 0.21 -21.50 -7.26
CA LYS A 242 1.17 -22.07 -8.20
C LYS A 242 1.52 -21.07 -9.31
N GLU A 243 0.51 -20.38 -9.84
CA GLU A 243 0.76 -19.38 -10.87
C GLU A 243 1.61 -18.24 -10.34
N LEU A 244 1.33 -17.79 -9.12
CA LEU A 244 2.15 -16.75 -8.52
C LEU A 244 3.61 -17.19 -8.45
N LEU A 245 3.84 -18.39 -7.91
CA LEU A 245 5.21 -18.89 -7.78
C LEU A 245 5.87 -19.05 -9.14
N ALA A 246 5.10 -19.44 -10.16
CA ALA A 246 5.67 -19.59 -11.49
C ALA A 246 6.11 -18.25 -12.06
N TYR A 247 5.23 -17.25 -12.01
CA TYR A 247 5.60 -15.95 -12.56
C TYR A 247 6.67 -15.26 -11.74
N ALA A 248 6.90 -15.69 -10.50
CA ALA A 248 7.92 -15.06 -9.68
C ALA A 248 9.28 -15.03 -10.38
N LYS A 249 9.56 -16.02 -11.23
CA LYS A 249 10.85 -16.04 -11.92
C LYS A 249 10.98 -14.84 -12.87
N ALA A 250 9.98 -14.63 -13.72
CA ALA A 250 9.99 -13.45 -14.58
C ALA A 250 10.00 -12.18 -13.75
N GLY A 251 9.27 -12.17 -12.64
CA GLY A 251 9.27 -11.00 -11.79
C GLY A 251 10.65 -10.65 -11.30
N ALA A 252 11.40 -11.66 -10.82
CA ALA A 252 12.76 -11.42 -10.36
C ALA A 252 13.66 -10.97 -11.50
N VAL A 253 13.51 -11.58 -12.68
CA VAL A 253 14.32 -11.17 -13.81
C VAL A 253 14.10 -9.69 -14.10
N ALA A 254 12.84 -9.28 -14.17
CA ALA A 254 12.53 -7.88 -14.47
C ALA A 254 13.02 -6.95 -13.38
N GLU A 255 12.87 -7.37 -12.12
CA GLU A 255 13.35 -6.53 -11.02
C GLU A 255 14.85 -6.33 -11.12
N GLU A 256 15.61 -7.40 -11.40
CA GLU A 256 17.04 -7.27 -11.55
C GLU A 256 17.39 -6.36 -12.72
N VAL A 257 16.68 -6.50 -13.83
CA VAL A 257 16.98 -5.69 -15.01
C VAL A 257 16.74 -4.22 -14.72
N LEU A 258 15.56 -3.90 -14.18
CA LEU A 258 15.21 -2.50 -13.95
C LEU A 258 16.09 -1.88 -12.88
N ALA A 259 16.41 -2.63 -11.82
CA ALA A 259 17.31 -2.10 -10.80
C ALA A 259 18.65 -1.68 -11.40
N ALA A 260 19.03 -2.29 -12.52
CA ALA A 260 20.26 -1.98 -13.22
C ALA A 260 19.98 -1.37 -14.58
N ILE A 261 19.02 -0.44 -14.63
CA ILE A 261 18.65 0.18 -15.89
C ILE A 261 19.84 0.90 -16.51
N ARG A 262 20.59 1.65 -15.69
CA ARG A 262 21.72 2.40 -16.22
C ARG A 262 22.74 1.47 -16.85
N THR A 263 23.19 0.46 -16.10
CA THR A 263 24.18 -0.47 -16.64
C THR A 263 23.58 -1.28 -17.78
N VAL A 264 22.30 -1.65 -17.66
CA VAL A 264 21.66 -2.43 -18.70
C VAL A 264 21.72 -1.70 -20.03
N ILE A 265 21.33 -0.42 -20.03
CA ILE A 265 21.39 0.36 -21.26
C ILE A 265 22.84 0.58 -21.67
N ALA A 266 23.75 0.71 -20.71
CA ALA A 266 25.14 0.95 -21.04
C ALA A 266 25.74 -0.24 -21.80
N PHE A 267 25.42 -1.46 -21.40
CA PHE A 267 25.98 -2.65 -22.01
C PHE A 267 25.17 -3.12 -23.22
N GLY A 268 24.05 -2.47 -23.53
CA GLY A 268 23.27 -2.87 -24.67
C GLY A 268 22.78 -4.30 -24.62
N GLY A 269 22.66 -4.87 -23.42
CA GLY A 269 22.24 -6.25 -23.28
C GLY A 269 20.74 -6.40 -23.16
N GLN A 270 20.00 -5.36 -23.56
CA GLN A 270 18.55 -5.39 -23.43
C GLN A 270 17.96 -6.64 -24.10
N LYS A 271 18.55 -7.07 -25.22
CA LYS A 271 17.99 -8.19 -25.96
C LYS A 271 18.04 -9.47 -25.12
N LYS A 272 19.15 -9.73 -24.43
CA LYS A 272 19.27 -10.96 -23.65
C LYS A 272 18.24 -10.98 -22.52
N GLU A 273 18.13 -9.86 -21.79
CA GLU A 273 17.15 -9.78 -20.73
C GLU A 273 15.74 -9.96 -21.28
N LEU A 274 15.46 -9.36 -22.44
CA LEU A 274 14.15 -9.51 -23.05
C LEU A 274 13.86 -10.97 -23.37
N GLU A 275 14.84 -11.69 -23.91
CA GLU A 275 14.63 -13.10 -24.24
C GLU A 275 14.37 -13.92 -22.99
N ARG A 276 15.15 -13.69 -21.93
CA ARG A 276 14.93 -14.43 -20.70
C ARG A 276 13.54 -14.15 -20.14
N TYR A 277 13.14 -12.88 -20.13
CA TYR A 277 11.81 -12.52 -19.65
C TYR A 277 10.74 -13.17 -20.51
N ASN A 278 10.98 -13.27 -21.81
CA ASN A 278 10.02 -13.91 -22.70
C ASN A 278 9.84 -15.38 -22.33
N LYS A 279 10.95 -16.08 -22.07
CA LYS A 279 10.84 -17.49 -21.67
C LYS A 279 10.06 -17.64 -20.37
N ASN A 280 10.40 -16.83 -19.37
CA ASN A 280 9.68 -16.90 -18.10
C ASN A 280 8.20 -16.59 -18.31
N LEU A 281 7.90 -15.61 -19.16
CA LEU A 281 6.52 -15.26 -19.43
C LEU A 281 5.78 -16.42 -20.09
N GLU A 282 6.45 -17.15 -20.98
CA GLU A 282 5.81 -18.31 -21.60
C GLU A 282 5.43 -19.35 -20.54
N GLU A 283 6.37 -19.63 -19.63
CA GLU A 283 6.05 -20.58 -18.56
C GLU A 283 4.86 -20.10 -17.73
N ALA A 284 4.89 -18.83 -17.35
CA ALA A 284 3.81 -18.27 -16.55
C ALA A 284 2.49 -18.33 -17.30
N LYS A 285 2.51 -18.11 -18.61
CA LYS A 285 1.29 -18.20 -19.40
C LYS A 285 0.72 -19.60 -19.37
N ARG A 286 1.59 -20.61 -19.50
CA ARG A 286 1.11 -21.98 -19.42
C ARG A 286 0.38 -22.21 -18.09
N ILE A 287 1.01 -21.79 -16.99
CA ILE A 287 0.41 -22.02 -15.68
C ILE A 287 -0.90 -21.23 -15.56
N GLY A 288 -0.93 -20.01 -16.09
CA GLY A 288 -2.13 -19.21 -16.00
C GLY A 288 -3.29 -19.81 -16.78
N ILE A 289 -3.01 -20.37 -17.95
CA ILE A 289 -4.05 -21.05 -18.71
C ILE A 289 -4.58 -22.24 -17.94
N LYS A 290 -3.67 -22.98 -17.30
CA LYS A 290 -4.12 -24.07 -16.43
C LYS A 290 -5.06 -23.55 -15.34
N LYS A 291 -4.70 -22.42 -14.73
CA LYS A 291 -5.55 -21.85 -13.69
C LYS A 291 -6.92 -21.48 -14.25
N ALA A 292 -6.95 -20.87 -15.44
CA ALA A 292 -8.20 -20.44 -16.02
C ALA A 292 -9.12 -21.63 -16.30
N ILE A 293 -8.56 -22.69 -16.87
CA ILE A 293 -9.38 -23.88 -17.11
C ILE A 293 -9.88 -24.46 -15.79
N THR A 294 -9.04 -24.40 -14.76
CA THR A 294 -9.47 -24.90 -13.45
C THR A 294 -10.68 -24.13 -12.95
N ALA A 295 -10.62 -22.80 -13.01
CA ALA A 295 -11.73 -22.00 -12.50
C ALA A 295 -13.00 -22.24 -13.31
N ASN A 296 -12.88 -22.26 -14.64
CA ASN A 296 -14.06 -22.44 -15.47
C ASN A 296 -14.68 -23.82 -15.26
N ILE A 297 -13.85 -24.86 -15.15
CA ILE A 297 -14.40 -26.18 -14.89
C ILE A 297 -15.03 -26.23 -13.50
N SER A 298 -14.50 -25.46 -12.55
CA SER A 298 -15.14 -25.36 -11.25
C SER A 298 -16.56 -24.85 -11.38
N ILE A 299 -16.73 -23.74 -12.09
CA ILE A 299 -18.07 -23.17 -12.26
C ILE A 299 -18.97 -24.15 -13.00
N GLY A 300 -18.43 -24.81 -14.02
CA GLY A 300 -19.23 -25.78 -14.76
C GLY A 300 -19.66 -26.94 -13.90
N ALA A 301 -18.77 -27.44 -13.04
CA ALA A 301 -19.13 -28.52 -12.15
C ALA A 301 -20.18 -28.08 -11.15
N ALA A 302 -20.10 -26.83 -10.68
CA ALA A 302 -21.15 -26.32 -9.80
C ALA A 302 -22.49 -26.32 -10.50
N PHE A 303 -22.52 -25.83 -11.75
CA PHE A 303 -23.77 -25.84 -12.51
C PHE A 303 -24.28 -27.26 -12.71
N LEU A 304 -23.38 -28.19 -13.05
CA LEU A 304 -23.79 -29.56 -13.27
C LEU A 304 -24.38 -30.16 -12.01
N LEU A 305 -23.74 -29.91 -10.86
CA LEU A 305 -24.24 -30.45 -9.60
C LEU A 305 -25.61 -29.89 -9.26
N ILE A 306 -25.79 -28.58 -9.42
CA ILE A 306 -27.09 -28.01 -9.07
C ILE A 306 -28.17 -28.54 -10.01
N TYR A 307 -27.89 -28.63 -11.30
CA TYR A 307 -28.89 -29.14 -12.23
C TYR A 307 -29.16 -30.62 -11.99
N ALA A 308 -28.15 -31.39 -11.59
CA ALA A 308 -28.39 -32.79 -11.24
C ALA A 308 -29.27 -32.89 -10.01
N SER A 309 -29.06 -32.01 -9.03
CA SER A 309 -29.95 -31.96 -7.88
C SER A 309 -31.37 -31.65 -8.33
N TYR A 310 -31.53 -30.67 -9.22
CA TYR A 310 -32.85 -30.37 -9.76
C TYR A 310 -33.47 -31.60 -10.40
N ALA A 311 -32.70 -32.31 -11.23
CA ALA A 311 -33.23 -33.45 -11.97
C ALA A 311 -33.67 -34.55 -11.02
N LEU A 312 -32.81 -34.91 -10.07
CA LEU A 312 -33.16 -35.99 -9.15
C LEU A 312 -34.35 -35.59 -8.28
N ALA A 313 -34.38 -34.33 -7.84
CA ALA A 313 -35.51 -33.86 -7.04
C ALA A 313 -36.81 -33.96 -7.84
N PHE A 314 -36.77 -33.53 -9.10
CA PHE A 314 -37.97 -33.58 -9.93
C PHE A 314 -38.40 -35.02 -10.18
N TRP A 315 -37.45 -35.90 -10.45
CA TRP A 315 -37.78 -37.30 -10.69
C TRP A 315 -38.45 -37.92 -9.46
N TYR A 316 -37.84 -37.74 -8.29
CA TYR A 316 -38.39 -38.31 -7.08
C TYR A 316 -39.75 -37.70 -6.75
N GLY A 317 -39.88 -36.38 -6.92
CA GLY A 317 -41.15 -35.73 -6.62
C GLY A 317 -42.25 -36.18 -7.56
N THR A 318 -41.94 -36.36 -8.84
CA THR A 318 -42.92 -36.89 -9.76
C THR A 318 -43.32 -38.31 -9.35
N THR A 319 -42.34 -39.13 -8.98
CA THR A 319 -42.66 -40.48 -8.52
C THR A 319 -43.62 -40.43 -7.34
N LEU A 320 -43.34 -39.56 -6.37
CA LEU A 320 -44.17 -39.46 -5.19
C LEU A 320 -45.58 -38.97 -5.54
N VAL A 321 -45.67 -37.79 -6.14
CA VAL A 321 -46.97 -37.17 -6.38
C VAL A 321 -47.82 -38.04 -7.30
N LEU A 322 -47.21 -38.60 -8.34
CA LEU A 322 -47.94 -39.52 -9.20
C LEU A 322 -48.47 -40.72 -8.43
N SER A 323 -47.86 -41.03 -7.28
CA SER A 323 -48.32 -42.11 -6.42
C SER A 323 -49.45 -41.69 -5.50
N GLY A 324 -50.11 -40.56 -5.76
CA GLY A 324 -51.20 -40.12 -4.92
C GLY A 324 -50.78 -39.50 -3.60
N GLU A 325 -49.49 -39.30 -3.38
CA GLU A 325 -48.99 -38.71 -2.15
C GLU A 325 -49.21 -37.20 -2.19
N TYR A 326 -48.53 -36.48 -1.29
CA TYR A 326 -48.62 -35.03 -1.23
C TYR A 326 -48.57 -34.39 -2.62
N SER A 327 -49.30 -33.30 -2.79
CA SER A 327 -49.48 -32.69 -4.09
C SER A 327 -48.20 -32.04 -4.59
N ILE A 328 -48.27 -31.48 -5.80
CA ILE A 328 -47.10 -30.87 -6.42
C ILE A 328 -46.63 -29.67 -5.61
N GLY A 329 -47.57 -28.92 -5.04
CA GLY A 329 -47.20 -27.74 -4.27
C GLY A 329 -46.23 -28.08 -3.16
N GLN A 330 -46.47 -29.20 -2.47
CA GLN A 330 -45.54 -29.64 -1.44
C GLN A 330 -44.16 -29.89 -2.03
N VAL A 331 -44.11 -30.50 -3.22
CA VAL A 331 -42.83 -30.74 -3.86
C VAL A 331 -42.10 -29.42 -4.11
N LEU A 332 -42.81 -28.45 -4.70
CA LEU A 332 -42.17 -27.17 -5.01
C LEU A 332 -41.65 -26.50 -3.75
N THR A 333 -42.49 -26.44 -2.71
CA THR A 333 -42.08 -25.74 -1.50
C THR A 333 -40.88 -26.42 -0.86
N VAL A 334 -40.93 -27.74 -0.69
CA VAL A 334 -39.83 -28.43 -0.03
C VAL A 334 -38.55 -28.25 -0.83
N PHE A 335 -38.62 -28.45 -2.14
CA PHE A 335 -37.41 -28.36 -2.97
C PHE A 335 -36.80 -26.97 -2.89
N PHE A 336 -37.61 -25.94 -3.15
CA PHE A 336 -37.07 -24.59 -3.16
C PHE A 336 -36.56 -24.20 -1.79
N SER A 337 -37.30 -24.52 -0.73
CA SER A 337 -36.89 -24.13 0.61
C SER A 337 -35.56 -24.75 0.98
N VAL A 338 -35.42 -26.07 0.75
CA VAL A 338 -34.18 -26.74 1.13
C VAL A 338 -33.02 -26.21 0.29
N LEU A 339 -33.25 -25.97 -1.00
CA LEU A 339 -32.18 -25.45 -1.83
C LEU A 339 -31.74 -24.07 -1.36
N ILE A 340 -32.71 -23.22 -1.01
CA ILE A 340 -32.38 -21.89 -0.50
C ILE A 340 -31.59 -22.00 0.79
N GLY A 341 -31.99 -22.92 1.67
CA GLY A 341 -31.24 -23.13 2.90
C GLY A 341 -29.80 -23.53 2.63
N ALA A 342 -29.61 -24.45 1.68
CA ALA A 342 -28.25 -24.86 1.34
C ALA A 342 -27.43 -23.69 0.81
N PHE A 343 -27.99 -22.93 -0.12
CA PHE A 343 -27.25 -21.79 -0.66
C PHE A 343 -26.96 -20.76 0.41
N SER A 344 -27.85 -20.58 1.38
CA SER A 344 -27.61 -19.59 2.42
C SER A 344 -26.51 -20.04 3.37
N VAL A 345 -26.55 -21.30 3.80
CA VAL A 345 -25.45 -21.80 4.62
C VAL A 345 -24.14 -21.68 3.87
N GLY A 346 -24.19 -21.82 2.55
CA GLY A 346 -23.01 -21.54 1.74
C GLY A 346 -22.57 -20.09 1.81
N GLN A 347 -23.53 -19.16 1.69
CA GLN A 347 -23.21 -17.74 1.71
C GLN A 347 -22.73 -17.28 3.08
N ALA A 348 -22.91 -18.08 4.12
CA ALA A 348 -22.59 -17.60 5.47
C ALA A 348 -21.11 -17.23 5.63
N SER A 349 -20.23 -17.84 4.84
CA SER A 349 -18.80 -17.80 5.17
C SER A 349 -18.20 -16.40 5.27
N PRO A 350 -18.47 -15.46 4.35
CA PRO A 350 -17.76 -14.17 4.40
C PRO A 350 -17.89 -13.48 5.73
N SER A 351 -19.07 -13.57 6.35
CA SER A 351 -19.24 -12.98 7.67
C SER A 351 -18.28 -13.60 8.67
N ILE A 352 -18.13 -14.93 8.64
CA ILE A 352 -17.21 -15.58 9.58
C ILE A 352 -15.79 -15.13 9.31
N GLU A 353 -15.39 -15.04 8.05
CA GLU A 353 -14.03 -14.62 7.74
C GLU A 353 -13.77 -13.20 8.24
N ALA A 354 -14.71 -12.30 7.99
CA ALA A 354 -14.55 -10.93 8.46
C ALA A 354 -14.49 -10.88 9.96
N PHE A 355 -15.33 -11.67 10.64
CA PHE A 355 -15.33 -11.65 12.10
C PHE A 355 -14.02 -12.20 12.65
N ALA A 356 -13.41 -13.18 11.97
CA ALA A 356 -12.13 -13.69 12.43
C ALA A 356 -11.04 -12.64 12.26
N ASN A 357 -11.02 -11.94 11.13
CA ASN A 357 -10.06 -10.87 10.95
C ASN A 357 -10.25 -9.80 12.02
N ALA A 358 -11.50 -9.45 12.31
CA ALA A 358 -11.77 -8.48 13.37
C ALA A 358 -11.34 -9.02 14.72
N ARG A 359 -11.53 -10.32 14.95
CA ARG A 359 -11.05 -10.94 16.18
C ARG A 359 -9.58 -10.68 16.36
N GLY A 360 -8.78 -10.95 15.32
CA GLY A 360 -7.35 -10.74 15.42
C GLY A 360 -7.00 -9.28 15.67
N ALA A 361 -7.57 -8.39 14.87
CA ALA A 361 -7.23 -6.98 15.00
C ALA A 361 -7.60 -6.45 16.38
N ALA A 362 -8.81 -6.79 16.85
CA ALA A 362 -9.25 -6.32 18.16
C ALA A 362 -8.44 -6.96 19.27
N TYR A 363 -8.00 -8.20 19.10
CA TYR A 363 -7.11 -8.80 20.07
C TYR A 363 -5.85 -7.96 20.23
N GLU A 364 -5.25 -7.58 19.09
CA GLU A 364 -4.05 -6.75 19.16
C GLU A 364 -4.35 -5.41 19.81
N ILE A 365 -5.46 -4.77 19.41
CA ILE A 365 -5.78 -3.44 19.94
C ILE A 365 -5.97 -3.50 21.44
N PHE A 366 -6.72 -4.50 21.91
CA PHE A 366 -6.96 -4.62 23.34
C PHE A 366 -5.68 -4.93 24.10
N LYS A 367 -4.84 -5.82 23.54
CA LYS A 367 -3.55 -6.07 24.16
C LYS A 367 -2.79 -4.77 24.34
N ILE A 368 -2.83 -3.90 23.34
CA ILE A 368 -2.22 -2.58 23.48
C ILE A 368 -2.89 -1.81 24.61
N ILE A 369 -4.22 -1.84 24.65
CA ILE A 369 -4.96 -1.10 25.67
C ILE A 369 -4.77 -1.73 27.04
N ASP A 370 -4.76 -3.07 27.10
CA ASP A 370 -4.68 -3.75 28.39
C ASP A 370 -3.37 -3.48 29.11
N ASN A 371 -2.32 -3.10 28.40
CA ASN A 371 -1.01 -2.90 29.01
C ASN A 371 -1.06 -1.71 29.95
N LYS A 372 -1.05 -1.98 31.25
CA LYS A 372 -0.99 -0.91 32.24
C LYS A 372 0.44 -0.35 32.28
N PRO A 373 0.62 0.96 32.12
CA PRO A 373 1.97 1.50 32.01
C PRO A 373 2.68 1.55 33.35
N SER A 374 4.01 1.55 33.29
CA SER A 374 4.82 1.72 34.49
C SER A 374 4.61 3.10 35.10
N ILE A 375 4.56 4.13 34.26
CA ILE A 375 4.30 5.49 34.69
C ILE A 375 2.94 5.91 34.14
N ASP A 376 2.05 6.34 35.02
CA ASP A 376 0.69 6.72 34.65
C ASP A 376 0.56 8.23 34.85
N SER A 377 0.74 8.98 33.77
CA SER A 377 0.64 10.44 33.86
C SER A 377 -0.72 10.86 34.39
N TYR A 378 -1.77 10.10 34.09
CA TYR A 378 -3.10 10.42 34.59
C TYR A 378 -3.28 10.08 36.06
N SER A 379 -2.46 9.19 36.60
CA SER A 379 -2.53 8.85 38.00
C SER A 379 -2.07 10.03 38.85
N LYS A 380 -2.84 10.36 39.87
CA LYS A 380 -2.54 11.47 40.77
C LYS A 380 -2.22 10.97 42.19
N SER A 381 -1.54 9.84 42.29
CA SER A 381 -1.23 9.23 43.58
C SER A 381 0.04 9.81 44.21
N GLY A 382 0.71 10.76 43.57
CA GLY A 382 1.90 11.36 44.12
C GLY A 382 1.61 12.62 44.91
N HIS A 383 2.64 13.10 45.60
CA HIS A 383 2.56 14.33 46.37
C HIS A 383 2.86 15.53 45.48
N LYS A 384 2.09 16.60 45.66
CA LYS A 384 2.20 17.80 44.83
C LYS A 384 2.50 18.99 45.74
N PRO A 385 3.78 19.24 46.03
CA PRO A 385 4.12 20.41 46.85
C PRO A 385 3.72 21.71 46.18
N ASP A 386 3.39 22.70 47.00
CA ASP A 386 2.98 24.00 46.48
C ASP A 386 4.20 24.84 46.10
N ASN A 387 5.08 25.11 47.05
CA ASN A 387 6.28 25.89 46.81
C ASN A 387 7.42 24.94 46.43
N ILE A 388 8.04 25.21 45.28
CA ILE A 388 9.14 24.40 44.78
C ILE A 388 10.43 25.19 44.98
N LYS A 389 11.29 24.70 45.86
CA LYS A 389 12.57 25.33 46.14
C LYS A 389 13.65 24.63 45.34
N GLY A 390 14.45 25.40 44.61
CA GLY A 390 15.45 24.83 43.74
C GLY A 390 16.44 23.96 44.48
N ASN A 391 16.32 22.64 44.30
CA ASN A 391 17.26 21.70 44.89
C ASN A 391 17.14 20.41 44.12
N LEU A 392 18.17 20.07 43.34
CA LEU A 392 18.16 18.88 42.51
C LEU A 392 19.23 17.93 43.03
N GLU A 393 18.88 16.66 43.16
CA GLU A 393 19.79 15.64 43.67
C GLU A 393 19.72 14.42 42.77
N PHE A 394 20.85 14.05 42.18
CA PHE A 394 21.03 12.79 41.48
C PHE A 394 22.09 12.00 42.21
N ARG A 395 21.77 10.78 42.61
CA ARG A 395 22.65 9.96 43.43
C ARG A 395 22.73 8.57 42.82
N ASN A 396 23.89 8.24 42.26
CA ASN A 396 24.14 6.91 41.72
C ASN A 396 23.02 6.46 40.79
N VAL A 397 22.70 7.32 39.82
CA VAL A 397 21.65 7.03 38.86
C VAL A 397 22.13 5.95 37.89
N HIS A 398 21.71 4.71 38.12
CA HIS A 398 22.09 3.59 37.28
C HIS A 398 20.90 3.23 36.40
N PHE A 399 21.14 3.16 35.08
CA PHE A 399 20.09 2.86 34.13
C PHE A 399 20.66 2.81 32.72
N SER A 400 19.82 2.47 31.74
CA SER A 400 20.25 2.39 30.35
C SER A 400 19.04 2.58 29.45
N TYR A 401 19.27 2.56 28.16
CA TYR A 401 18.18 2.61 27.20
C TYR A 401 17.47 1.26 27.17
N PRO A 402 16.18 1.19 27.45
CA PRO A 402 15.48 -0.10 27.34
C PRO A 402 15.52 -0.68 25.94
N SER A 403 15.66 0.16 24.91
CA SER A 403 15.75 -0.34 23.54
C SER A 403 16.82 -1.41 23.44
N ARG A 404 18.01 -1.13 23.99
CA ARG A 404 19.10 -2.10 24.10
C ARG A 404 19.56 -2.08 25.56
N LYS A 405 18.88 -2.85 26.40
CA LYS A 405 19.18 -2.83 27.82
C LYS A 405 20.57 -3.36 28.13
N GLU A 406 21.19 -4.08 27.18
CA GLU A 406 22.52 -4.64 27.43
C GLU A 406 23.51 -3.54 27.82
N VAL A 407 23.55 -2.46 27.05
CA VAL A 407 24.41 -1.34 27.41
C VAL A 407 23.93 -0.73 28.73
N LYS A 408 24.83 0.00 29.39
CA LYS A 408 24.52 0.72 30.62
C LYS A 408 25.11 2.12 30.51
N ILE A 409 24.34 3.03 29.92
CA ILE A 409 24.80 4.42 29.78
C ILE A 409 24.82 5.11 31.14
N LEU A 410 23.75 4.93 31.92
CA LEU A 410 23.70 5.49 33.27
C LEU A 410 24.48 4.56 34.18
N LYS A 411 25.77 4.88 34.39
CA LYS A 411 26.64 4.11 35.25
C LYS A 411 26.73 4.69 36.64
N GLY A 412 25.65 5.28 37.14
CA GLY A 412 25.68 5.96 38.42
C GLY A 412 26.23 7.36 38.26
N LEU A 413 25.61 8.33 38.95
CA LEU A 413 26.05 9.71 38.86
C LEU A 413 25.75 10.41 40.18
N ASN A 414 26.65 11.31 40.57
CA ASN A 414 26.49 12.11 41.78
C ASN A 414 26.45 13.58 41.39
N LEU A 415 25.41 14.28 41.84
CA LEU A 415 25.24 15.68 41.50
C LEU A 415 24.24 16.31 42.44
N LYS A 416 24.57 17.48 42.96
CA LYS A 416 23.67 18.24 43.82
C LYS A 416 23.70 19.70 43.37
N VAL A 417 22.52 20.25 43.08
CA VAL A 417 22.38 21.61 42.59
C VAL A 417 21.48 22.37 43.55
N GLN A 418 21.97 23.51 44.04
CA GLN A 418 21.20 24.36 44.93
C GLN A 418 20.25 25.26 44.14
N SER A 419 19.39 25.96 44.86
CA SER A 419 18.41 26.82 44.22
C SER A 419 19.10 27.97 43.49
N GLY A 420 18.46 28.43 42.42
CA GLY A 420 18.98 29.58 41.68
C GLY A 420 20.36 29.35 41.12
N GLN A 421 20.62 28.17 40.56
CA GLN A 421 21.90 27.83 39.97
C GLN A 421 21.73 27.58 38.48
N THR A 422 22.56 28.22 37.67
CA THR A 422 22.54 28.01 36.22
C THR A 422 23.52 26.89 35.84
N VAL A 423 23.27 25.71 36.41
CA VAL A 423 24.18 24.60 36.21
C VAL A 423 24.28 24.26 34.72
N ALA A 424 25.38 23.60 34.36
CA ALA A 424 25.59 23.16 32.99
C ALA A 424 26.41 21.88 33.00
N LEU A 425 26.26 21.11 31.93
CA LEU A 425 26.97 19.84 31.77
C LEU A 425 27.73 19.85 30.46
N VAL A 426 28.90 19.20 30.47
CA VAL A 426 29.76 19.13 29.29
C VAL A 426 30.34 17.72 29.18
N GLY A 427 30.74 17.37 27.97
CA GLY A 427 31.33 16.08 27.72
C GLY A 427 31.35 15.77 26.23
N ASN A 428 31.99 14.65 25.91
CA ASN A 428 32.03 14.19 24.54
C ASN A 428 30.66 13.63 24.13
N SER A 429 30.40 13.66 22.83
CA SER A 429 29.14 13.16 22.29
C SER A 429 29.03 11.67 22.56
N GLY A 430 27.87 11.23 23.05
CA GLY A 430 27.66 9.85 23.43
C GLY A 430 27.96 9.56 24.88
N CYS A 431 28.28 10.57 25.68
CA CYS A 431 28.57 10.40 27.09
C CYS A 431 27.32 10.42 27.96
N GLY A 432 26.15 10.59 27.35
CA GLY A 432 24.91 10.59 28.11
C GLY A 432 24.60 11.89 28.80
N LYS A 433 25.25 13.00 28.41
CA LYS A 433 24.97 14.28 29.05
C LYS A 433 23.51 14.67 28.88
N SER A 434 22.96 14.48 27.68
CA SER A 434 21.55 14.73 27.44
C SER A 434 20.67 13.66 28.05
N THR A 435 21.20 12.45 28.25
CA THR A 435 20.42 11.41 28.90
C THR A 435 20.09 11.79 30.34
N THR A 436 20.99 12.52 31.00
CA THR A 436 20.70 12.99 32.35
C THR A 436 19.48 13.90 32.36
N VAL A 437 19.40 14.83 31.41
CA VAL A 437 18.25 15.72 31.33
C VAL A 437 17.00 14.92 30.99
N GLN A 438 17.11 14.03 30.01
CA GLN A 438 15.97 13.21 29.62
C GLN A 438 15.39 12.48 30.82
N LEU A 439 16.26 11.87 31.62
CA LEU A 439 15.80 11.27 32.87
C LEU A 439 15.24 12.32 33.83
N MET A 440 15.78 13.54 33.78
CA MET A 440 15.28 14.60 34.65
C MET A 440 13.80 14.86 34.44
N GLN A 441 13.32 14.68 33.22
CA GLN A 441 11.91 14.86 32.90
C GLN A 441 11.08 13.63 33.24
N ARG A 442 11.66 12.65 33.93
CA ARG A 442 10.97 11.40 34.24
C ARG A 442 10.51 10.70 32.97
N LEU A 443 11.18 10.97 31.85
CA LEU A 443 10.85 10.27 30.61
C LEU A 443 11.12 8.77 30.75
N TYR A 444 12.21 8.41 31.41
CA TYR A 444 12.56 7.04 31.71
C TYR A 444 12.59 6.87 33.23
N ASP A 445 13.01 5.69 33.69
CA ASP A 445 13.07 5.40 35.11
C ASP A 445 14.48 5.02 35.51
N PRO A 446 14.91 5.37 36.73
CA PRO A 446 16.26 5.01 37.18
C PRO A 446 16.32 3.55 37.58
N THR A 447 17.14 2.77 36.86
CA THR A 447 17.24 1.34 37.14
C THR A 447 17.75 1.10 38.56
N GLU A 448 18.76 1.87 38.98
CA GLU A 448 19.29 1.75 40.34
C GLU A 448 19.92 3.10 40.69
N GLY A 449 19.21 3.89 41.49
CA GLY A 449 19.72 5.19 41.86
C GLY A 449 18.61 6.01 42.50
N MET A 450 18.91 7.30 42.68
CA MET A 450 17.97 8.21 43.31
C MET A 450 17.94 9.52 42.53
N VAL A 451 16.75 10.04 42.31
CA VAL A 451 16.55 11.34 41.68
C VAL A 451 15.48 12.08 42.48
N SER A 452 15.76 13.34 42.84
CA SER A 452 14.83 14.09 43.65
C SER A 452 14.98 15.58 43.38
N VAL A 453 13.88 16.31 43.58
CA VAL A 453 13.86 17.76 43.49
C VAL A 453 13.35 18.30 44.82
N ASP A 454 14.10 19.21 45.43
CA ASP A 454 13.80 19.70 46.76
C ASP A 454 13.79 18.58 47.78
N GLY A 455 14.64 17.56 47.57
CA GLY A 455 14.75 16.48 48.52
C GLY A 455 13.62 15.49 48.52
N GLN A 456 12.84 15.43 47.44
CA GLN A 456 11.74 14.48 47.33
C GLN A 456 11.88 13.69 46.04
N ASP A 457 11.65 12.38 46.13
CA ASP A 457 11.82 11.53 44.96
C ASP A 457 10.82 11.91 43.88
N ILE A 458 11.28 11.88 42.63
CA ILE A 458 10.42 12.20 41.49
C ILE A 458 9.28 11.19 41.40
N ARG A 459 9.57 9.91 41.65
CA ARG A 459 8.54 8.89 41.57
C ARG A 459 7.40 9.17 42.53
N THR A 460 7.70 9.80 43.67
CA THR A 460 6.71 10.06 44.71
C THR A 460 6.06 11.44 44.58
N ILE A 461 6.00 11.98 43.36
CA ILE A 461 5.41 13.30 43.12
C ILE A 461 4.49 13.19 41.92
N ASN A 462 3.59 14.18 41.80
CA ASN A 462 2.64 14.21 40.71
C ASN A 462 3.37 14.20 39.38
N VAL A 463 3.22 13.12 38.61
CA VAL A 463 3.94 12.99 37.35
C VAL A 463 3.55 14.10 36.40
N ARG A 464 2.25 14.31 36.20
CA ARG A 464 1.81 15.40 35.34
C ARG A 464 2.22 16.74 35.91
N PHE A 465 2.02 16.94 37.21
CA PHE A 465 2.43 18.19 37.84
C PHE A 465 3.93 18.40 37.73
N LEU A 466 4.70 17.34 37.94
CA LEU A 466 6.16 17.46 37.82
C LEU A 466 6.55 17.85 36.40
N ARG A 467 6.03 17.13 35.41
CA ARG A 467 6.38 17.44 34.03
C ARG A 467 5.91 18.82 33.61
N GLU A 468 4.85 19.34 34.21
CA GLU A 468 4.40 20.69 33.92
C GLU A 468 5.12 21.74 34.75
N ILE A 469 5.86 21.33 35.79
CA ILE A 469 6.65 22.26 36.58
C ILE A 469 8.11 22.30 36.13
N ILE A 470 8.46 21.56 35.08
CA ILE A 470 9.81 21.55 34.54
C ILE A 470 9.69 21.84 33.05
N GLY A 471 10.37 22.90 32.59
CA GLY A 471 10.38 23.27 31.19
C GLY A 471 11.66 22.77 30.53
N VAL A 472 11.54 22.38 29.26
CA VAL A 472 12.66 21.84 28.51
C VAL A 472 12.73 22.55 27.16
N VAL A 473 13.93 22.50 26.56
CA VAL A 473 14.18 23.05 25.23
C VAL A 473 14.82 21.96 24.40
N SER A 474 14.33 21.77 23.17
CA SER A 474 14.80 20.71 22.30
C SER A 474 15.89 21.23 21.37
N GLN A 475 16.89 20.38 21.11
CA GLN A 475 17.96 20.76 20.20
C GLN A 475 17.42 20.99 18.79
N GLU A 476 16.42 20.21 18.39
CA GLU A 476 15.74 20.37 17.12
C GLU A 476 14.26 20.50 17.44
N PRO A 477 13.83 21.66 17.93
CA PRO A 477 12.50 21.76 18.52
C PRO A 477 11.41 21.37 17.54
N VAL A 478 10.41 20.67 18.05
CA VAL A 478 9.21 20.34 17.30
C VAL A 478 8.13 21.32 17.70
N LEU A 479 7.46 21.90 16.71
CA LEU A 479 6.40 22.88 16.91
C LEU A 479 5.11 22.35 16.34
N PHE A 480 4.03 22.41 17.14
CA PHE A 480 2.74 21.95 16.67
C PHE A 480 2.33 22.70 15.42
N ALA A 481 1.78 21.96 14.45
CA ALA A 481 1.41 22.55 13.17
C ALA A 481 0.17 23.42 13.29
N THR A 482 0.29 24.55 13.98
CA THR A 482 -0.83 25.45 14.23
C THR A 482 -0.31 26.88 14.28
N THR A 483 -1.22 27.82 14.46
CA THR A 483 -0.85 29.23 14.50
C THR A 483 0.08 29.51 15.68
N ILE A 484 0.82 30.61 15.56
CA ILE A 484 1.74 31.00 16.63
C ILE A 484 0.99 31.12 17.95
N ALA A 485 -0.18 31.77 17.91
CA ALA A 485 -1.05 31.78 19.08
C ALA A 485 -1.44 30.36 19.47
N GLU A 486 -1.71 29.50 18.48
CA GLU A 486 -2.02 28.12 18.77
C GLU A 486 -0.85 27.42 19.45
N ASN A 487 0.37 27.65 18.96
CA ASN A 487 1.54 27.04 19.59
C ASN A 487 1.71 27.51 21.01
N ILE A 488 1.54 28.81 21.25
CA ILE A 488 1.68 29.34 22.61
C ILE A 488 0.63 28.74 23.52
N ARG A 489 -0.62 28.62 23.03
CA ARG A 489 -1.66 27.99 23.82
C ARG A 489 -1.31 26.55 24.15
N TYR A 490 -0.78 25.82 23.16
CA TYR A 490 -0.29 24.47 23.42
C TYR A 490 0.73 24.47 24.54
N GLY A 491 1.62 25.47 24.54
CA GLY A 491 2.53 25.63 25.66
C GLY A 491 1.80 25.82 26.96
N ARG A 492 0.79 26.70 26.96
CA ARG A 492 -0.06 26.91 28.12
C ARG A 492 -1.26 27.75 27.70
N GLU A 493 -2.43 27.41 28.23
CA GLU A 493 -3.66 28.11 27.89
C GLU A 493 -3.92 29.31 28.78
N ASN A 494 -3.40 29.32 30.00
CA ASN A 494 -3.61 30.41 30.94
C ASN A 494 -2.61 31.56 30.75
N VAL A 495 -2.00 31.66 29.56
CA VAL A 495 -1.02 32.71 29.32
C VAL A 495 -1.63 34.09 29.46
N THR A 496 -2.88 34.24 29.03
CA THR A 496 -3.63 35.49 28.99
C THR A 496 -3.26 36.35 27.79
N MET A 497 -2.32 35.90 26.96
CA MET A 497 -1.97 36.59 25.72
C MET A 497 -1.17 37.85 25.96
N ASP A 498 -1.00 38.25 27.22
CA ASP A 498 -0.15 39.37 27.57
C ASP A 498 1.27 38.91 27.89
N GLU A 499 1.40 37.98 28.84
CA GLU A 499 2.68 37.34 29.06
C GLU A 499 3.16 36.64 27.79
N ILE A 500 2.24 36.20 26.94
CA ILE A 500 2.62 35.60 25.66
C ILE A 500 3.33 36.62 24.79
N GLU A 501 2.76 37.82 24.68
CA GLU A 501 3.42 38.87 23.89
C GLU A 501 4.75 39.26 24.51
N LYS A 502 4.80 39.36 25.85
CA LYS A 502 6.04 39.71 26.52
C LYS A 502 7.12 38.67 26.22
N ALA A 503 6.77 37.38 26.28
CA ALA A 503 7.73 36.33 25.99
C ALA A 503 8.15 36.35 24.53
N VAL A 504 7.21 36.60 23.62
CA VAL A 504 7.56 36.68 22.20
C VAL A 504 8.57 37.78 21.98
N LYS A 505 8.37 38.93 22.63
CA LYS A 505 9.36 39.99 22.54
C LYS A 505 10.69 39.56 23.16
N GLU A 506 10.64 38.89 24.31
CA GLU A 506 11.86 38.51 25.01
C GLU A 506 12.72 37.58 24.16
N ALA A 507 12.10 36.58 23.54
CA ALA A 507 12.83 35.58 22.78
C ALA A 507 13.49 36.16 21.52
N ASN A 508 13.14 37.39 21.14
CA ASN A 508 13.70 38.03 19.96
C ASN A 508 13.22 37.34 18.69
N ALA A 509 11.95 36.96 18.68
CA ALA A 509 11.30 36.37 17.51
C ALA A 509 10.10 37.26 17.17
N TYR A 510 10.37 38.33 16.44
CA TYR A 510 9.35 39.24 15.98
C TYR A 510 9.40 39.47 14.48
N ASP A 511 10.59 39.54 13.89
CA ASP A 511 10.70 39.82 12.47
C ASP A 511 9.94 38.78 11.65
N PHE A 512 10.24 37.49 11.88
CA PHE A 512 9.53 36.44 11.18
C PHE A 512 8.05 36.45 11.53
N ILE A 513 7.72 36.64 12.81
CA ILE A 513 6.32 36.67 13.22
C ILE A 513 5.64 37.89 12.63
N MET A 514 6.25 39.07 12.77
CA MET A 514 5.61 40.30 12.31
C MET A 514 5.40 40.28 10.80
N LYS A 515 6.39 39.80 10.04
CA LYS A 515 6.28 39.83 8.59
C LYS A 515 5.14 38.95 8.10
N LEU A 516 4.96 37.78 8.70
CA LEU A 516 3.98 36.83 8.20
C LEU A 516 2.58 37.41 8.29
N PRO A 517 1.68 37.01 7.39
CA PRO A 517 0.30 37.51 7.45
C PRO A 517 -0.34 37.14 8.78
N HIS A 518 -1.12 38.06 9.32
CA HIS A 518 -1.66 37.92 10.67
C HIS A 518 -0.53 37.66 11.66
N LYS A 519 0.33 38.68 11.80
CA LYS A 519 1.60 38.53 12.49
C LYS A 519 1.50 37.64 13.73
N PHE A 520 0.56 37.95 14.63
CA PHE A 520 0.42 37.16 15.84
C PHE A 520 -0.29 35.82 15.60
N ASP A 521 -0.80 35.58 14.39
CA ASP A 521 -1.51 34.36 14.06
C ASP A 521 -0.99 33.79 12.75
N THR A 522 0.32 33.85 12.53
CA THR A 522 0.93 33.24 11.36
C THR A 522 0.99 31.72 11.54
N LEU A 523 0.51 30.99 10.54
CA LEU A 523 0.48 29.54 10.62
C LEU A 523 1.83 28.95 10.23
N VAL A 524 1.99 27.67 10.54
CA VAL A 524 3.19 26.90 10.21
C VAL A 524 2.81 25.86 9.17
N GLY A 525 3.49 25.87 8.03
CA GLY A 525 3.19 24.95 6.96
C GLY A 525 3.53 23.52 7.32
N GLU A 526 3.74 22.69 6.30
CA GLU A 526 4.08 21.28 6.53
C GLU A 526 5.49 21.18 7.09
N ARG A 527 5.62 20.51 8.24
CA ARG A 527 6.93 20.23 8.85
C ARG A 527 7.72 21.52 9.06
N GLY A 528 7.03 22.57 9.51
CA GLY A 528 7.71 23.79 9.90
C GLY A 528 8.44 24.51 8.79
N ALA A 529 8.03 24.30 7.54
CA ALA A 529 8.67 25.00 6.43
C ALA A 529 8.33 26.49 6.40
N GLN A 530 7.33 26.93 7.17
CA GLN A 530 6.92 28.33 7.13
C GLN A 530 7.96 29.23 7.79
N LEU A 531 8.46 28.84 8.95
CA LEU A 531 9.38 29.66 9.73
C LEU A 531 10.83 29.21 9.50
N SER A 532 11.75 30.01 10.03
CA SER A 532 13.16 29.74 9.91
C SER A 532 13.65 28.92 11.11
N GLY A 533 14.74 28.17 10.89
CA GLY A 533 15.27 27.33 11.94
C GLY A 533 15.61 28.12 13.18
N GLY A 534 16.30 29.25 13.01
CA GLY A 534 16.48 30.16 14.13
C GLY A 534 15.15 30.66 14.66
N GLN A 535 14.22 30.96 13.76
CA GLN A 535 12.88 31.34 14.19
C GLN A 535 12.22 30.21 14.96
N LYS A 536 12.38 28.97 14.51
CA LYS A 536 11.77 27.85 15.22
C LYS A 536 12.36 27.71 16.61
N GLN A 537 13.69 27.83 16.73
CA GLN A 537 14.32 27.73 18.05
C GLN A 537 13.86 28.85 18.97
N ARG A 538 13.78 30.07 18.44
CA ARG A 538 13.32 31.19 19.26
C ARG A 538 11.88 30.97 19.71
N ILE A 539 11.02 30.48 18.81
CA ILE A 539 9.63 30.21 19.17
C ILE A 539 9.57 29.15 20.25
N ALA A 540 10.39 28.11 20.13
CA ALA A 540 10.42 27.07 21.14
C ALA A 540 10.85 27.62 22.49
N ILE A 541 11.88 28.46 22.50
CA ILE A 541 12.35 29.05 23.74
C ILE A 541 11.24 29.91 24.36
N ALA A 542 10.55 30.70 23.54
CA ALA A 542 9.47 31.52 24.05
C ALA A 542 8.36 30.65 24.64
N ARG A 543 8.01 29.57 23.95
CA ARG A 543 6.96 28.68 24.44
C ARG A 543 7.35 28.08 25.78
N ALA A 544 8.61 27.64 25.91
CA ALA A 544 9.07 27.09 27.18
C ALA A 544 9.00 28.14 28.28
N LEU A 545 9.45 29.36 27.98
CA LEU A 545 9.46 30.40 29.01
C LEU A 545 8.04 30.77 29.42
N VAL A 546 7.09 30.70 28.49
CA VAL A 546 5.72 31.12 28.80
C VAL A 546 5.18 30.33 29.98
N ARG A 547 5.55 29.06 30.11
CA ARG A 547 5.12 28.27 31.24
C ARG A 547 5.75 28.73 32.55
N ASN A 548 6.78 29.57 32.50
CA ASN A 548 7.48 30.04 33.68
C ASN A 548 7.82 28.86 34.60
N PRO A 549 8.57 27.88 34.10
CA PRO A 549 8.84 26.68 34.90
C PRO A 549 9.76 26.98 36.08
N LYS A 550 10.01 25.96 36.90
CA LYS A 550 10.96 26.06 37.99
C LYS A 550 12.34 25.54 37.63
N ILE A 551 12.45 24.74 36.56
CA ILE A 551 13.73 24.19 36.13
C ILE A 551 13.71 24.13 34.61
N LEU A 552 14.55 24.96 33.98
CA LEU A 552 14.69 24.93 32.53
C LEU A 552 15.80 23.96 32.13
N LEU A 553 15.54 23.20 31.08
CA LEU A 553 16.50 22.21 30.56
C LEU A 553 16.60 22.42 29.06
N LEU A 554 17.68 23.06 28.61
CA LEU A 554 17.87 23.39 27.21
C LEU A 554 19.11 22.69 26.66
N ASP A 555 19.04 22.32 25.38
CA ASP A 555 20.14 21.63 24.72
C ASP A 555 20.29 22.20 23.31
N GLU A 556 21.51 22.61 22.97
CA GLU A 556 21.81 23.15 21.65
C GLU A 556 20.81 24.25 21.27
N ALA A 557 20.83 25.32 22.07
CA ALA A 557 19.93 26.45 21.84
C ALA A 557 19.88 26.85 20.38
N THR A 558 21.04 27.22 19.84
CA THR A 558 21.15 27.60 18.43
C THR A 558 22.29 26.88 17.74
N SER A 559 22.68 25.71 18.25
CA SER A 559 23.84 24.97 17.74
C SER A 559 23.47 23.95 16.67
N ALA A 560 22.38 24.18 15.93
CA ALA A 560 21.97 23.24 14.89
C ALA A 560 22.53 23.64 13.53
N LEU A 561 22.22 24.84 13.05
CA LEU A 561 22.67 25.29 11.74
C LEU A 561 23.38 26.65 11.77
N ASP A 562 22.86 27.62 12.52
CA ASP A 562 23.37 28.98 12.48
C ASP A 562 23.61 29.49 13.90
N THR A 563 24.58 30.41 14.01
CA THR A 563 24.95 30.99 15.29
C THR A 563 24.56 32.45 15.43
N GLU A 564 24.09 33.09 14.37
CA GLU A 564 23.76 34.51 14.44
C GLU A 564 22.72 34.78 15.51
N SER A 565 21.62 34.03 15.50
CA SER A 565 20.57 34.19 16.49
C SER A 565 20.97 33.64 17.85
N GLU A 566 22.09 32.92 17.94
CA GLU A 566 22.48 32.31 19.20
C GLU A 566 22.76 33.37 20.26
N ALA A 567 23.36 34.49 19.87
CA ALA A 567 23.64 35.55 20.83
C ALA A 567 22.35 36.05 21.49
N VAL A 568 21.36 36.40 20.67
CA VAL A 568 20.09 36.88 21.22
C VAL A 568 19.42 35.78 22.03
N VAL A 569 19.47 34.54 21.55
CA VAL A 569 18.83 33.44 22.27
C VAL A 569 19.41 33.31 23.67
N GLN A 570 20.75 33.26 23.76
CA GLN A 570 21.39 33.14 25.06
C GLN A 570 21.09 34.36 25.93
N VAL A 571 21.13 35.55 25.35
CA VAL A 571 20.88 36.77 26.12
C VAL A 571 19.50 36.72 26.75
N ALA A 572 18.49 36.32 25.97
CA ALA A 572 17.14 36.28 26.48
C ALA A 572 16.93 35.14 27.46
N LEU A 573 17.58 33.99 27.23
CA LEU A 573 17.40 32.84 28.10
C LEU A 573 18.05 33.08 29.46
N ASP A 574 19.37 33.29 29.46
CA ASP A 574 20.09 33.52 30.71
C ASP A 574 19.67 34.83 31.38
N LYS A 575 18.97 35.72 30.67
CA LYS A 575 18.56 36.98 31.27
C LYS A 575 17.70 36.75 32.50
N ALA A 576 16.73 35.85 32.39
CA ALA A 576 15.80 35.55 33.48
C ALA A 576 16.01 34.09 33.89
N ARG A 577 16.96 33.88 34.81
CA ARG A 577 17.23 32.55 35.33
C ARG A 577 17.48 32.54 36.84
N LYS A 578 17.38 33.68 37.51
CA LYS A 578 17.68 33.72 38.94
C LYS A 578 16.77 32.76 39.70
N GLY A 579 15.46 32.86 39.51
CA GLY A 579 14.52 32.01 40.18
C GLY A 579 14.21 30.72 39.48
N ARG A 580 14.86 30.47 38.34
CA ARG A 580 14.65 29.25 37.55
C ARG A 580 16.00 28.60 37.31
N THR A 581 16.30 27.56 38.10
CA THR A 581 17.53 26.80 37.87
C THR A 581 17.55 26.28 36.44
N THR A 582 18.74 26.25 35.86
CA THR A 582 18.89 25.97 34.44
C THR A 582 19.97 24.92 34.22
N ILE A 583 19.68 23.98 33.32
CA ILE A 583 20.65 23.02 32.81
C ILE A 583 20.79 23.29 31.32
N VAL A 584 22.04 23.44 30.87
CA VAL A 584 22.32 23.85 29.49
C VAL A 584 23.29 22.86 28.88
N ILE A 585 22.98 22.39 27.68
CA ILE A 585 23.87 21.56 26.87
C ILE A 585 24.14 22.29 25.57
N ALA A 586 25.42 22.49 25.25
CA ALA A 586 25.83 23.24 24.07
C ALA A 586 27.04 22.56 23.44
N HIS A 587 27.49 23.11 22.32
CA HIS A 587 28.65 22.61 21.61
C HIS A 587 29.60 23.74 21.20
N ARG A 588 29.50 24.90 21.85
CA ARG A 588 30.34 26.05 21.54
C ARG A 588 31.02 26.55 22.80
N LEU A 589 32.21 27.13 22.62
CA LEU A 589 32.98 27.62 23.75
C LEU A 589 32.27 28.78 24.44
N SER A 590 31.62 29.64 23.66
CA SER A 590 30.93 30.79 24.25
C SER A 590 29.92 30.34 25.30
N THR A 591 29.05 29.38 24.95
CA THR A 591 28.08 28.88 25.91
C THR A 591 28.77 28.27 27.11
N VAL A 592 29.91 27.61 26.90
CA VAL A 592 30.65 27.02 28.02
C VAL A 592 31.10 28.09 28.99
N ARG A 593 31.61 29.21 28.47
CA ARG A 593 32.18 30.24 29.33
C ARG A 593 31.15 30.82 30.28
N ASN A 594 29.93 31.09 29.78
CA ASN A 594 28.92 31.72 30.61
C ASN A 594 28.47 30.83 31.76
N ALA A 595 28.79 29.54 31.72
CA ALA A 595 28.35 28.63 32.77
C ALA A 595 28.84 29.10 34.14
N ASP A 596 27.96 29.01 35.14
CA ASP A 596 28.31 29.34 36.51
C ASP A 596 28.87 28.13 37.26
N VAL A 597 28.17 27.00 37.20
CA VAL A 597 28.63 25.75 37.77
C VAL A 597 28.57 24.70 36.67
N ILE A 598 29.73 24.20 36.25
CA ILE A 598 29.84 23.30 35.11
C ILE A 598 30.35 21.96 35.61
N ALA A 599 29.70 20.89 35.15
CA ALA A 599 30.09 19.52 35.49
C ALA A 599 30.47 18.77 34.22
N GLY A 600 31.61 18.10 34.26
CA GLY A 600 32.06 17.30 33.13
C GLY A 600 31.60 15.86 33.27
N PHE A 601 31.23 15.27 32.14
CA PHE A 601 30.70 13.91 32.12
C PHE A 601 31.83 12.91 31.94
N ASP A 602 31.67 11.75 32.59
CA ASP A 602 32.69 10.69 32.52
C ASP A 602 31.96 9.35 32.58
N ASP A 603 31.78 8.73 31.43
CA ASP A 603 31.17 7.40 31.34
C ASP A 603 29.88 7.33 32.16
N GLY A 604 29.04 8.35 32.00
CA GLY A 604 27.85 8.44 32.81
C GLY A 604 28.11 8.82 34.25
N VAL A 605 29.27 9.42 34.53
CA VAL A 605 29.63 9.87 35.86
C VAL A 605 30.33 11.21 35.74
N ILE A 606 30.11 12.07 36.72
CA ILE A 606 30.68 13.41 36.73
C ILE A 606 31.91 13.41 37.60
N VAL A 607 33.07 13.73 37.00
CA VAL A 607 34.32 13.77 37.74
C VAL A 607 34.68 15.22 38.01
N GLU A 608 34.86 16.00 36.94
CA GLU A 608 35.18 17.42 37.09
C GLU A 608 33.93 18.20 37.48
N LYS A 609 34.03 19.00 38.54
CA LYS A 609 32.90 19.79 39.03
C LYS A 609 33.43 21.13 39.51
N GLY A 610 33.25 22.17 38.68
CA GLY A 610 33.71 23.50 39.06
C GLY A 610 33.31 24.50 38.01
N ASN A 611 33.64 25.76 38.30
CA ASN A 611 33.34 26.85 37.38
C ASN A 611 34.30 26.82 36.20
N HIS A 612 34.18 27.82 35.32
CA HIS A 612 35.05 27.89 34.16
C HIS A 612 36.51 27.95 34.57
N ASP A 613 36.85 28.84 35.49
CA ASP A 613 38.23 28.95 35.96
C ASP A 613 38.67 27.67 36.66
N GLU A 614 37.80 27.12 37.51
CA GLU A 614 38.15 25.89 38.21
C GLU A 614 38.40 24.75 37.23
N LEU A 615 37.53 24.61 36.22
CA LEU A 615 37.72 23.56 35.22
C LEU A 615 39.00 23.79 34.42
N MET A 616 39.27 25.04 34.04
CA MET A 616 40.49 25.34 33.29
C MET A 616 41.72 24.97 34.10
N LYS A 617 41.75 25.34 35.38
CA LYS A 617 42.87 24.97 36.24
C LYS A 617 42.90 23.48 36.52
N GLU A 618 41.79 22.78 36.32
CA GLU A 618 41.76 21.33 36.48
C GLU A 618 42.36 20.60 35.29
N LYS A 619 42.54 21.27 34.15
CA LYS A 619 43.12 20.66 32.96
C LYS A 619 42.33 19.43 32.51
N GLY A 620 41.01 19.46 32.73
CA GLY A 620 40.16 18.35 32.37
C GLY A 620 39.82 18.36 30.88
N ILE A 621 38.88 17.49 30.53
CA ILE A 621 38.44 17.39 29.13
C ILE A 621 37.88 18.73 28.66
N TYR A 622 37.34 19.53 29.59
CA TYR A 622 36.86 20.86 29.22
C TYR A 622 37.98 21.71 28.63
N PHE A 623 39.13 21.73 29.31
CA PHE A 623 40.27 22.47 28.77
C PHE A 623 40.77 21.84 27.47
N LYS A 624 40.71 20.51 27.36
CA LYS A 624 41.11 19.86 26.13
C LYS A 624 40.27 20.33 24.96
N LEU A 625 38.95 20.45 25.16
CA LEU A 625 38.08 20.94 24.09
C LEU A 625 38.30 22.43 23.85
N VAL A 626 38.50 23.20 24.92
CA VAL A 626 38.72 24.64 24.76
C VAL A 626 39.93 24.88 23.87
N THR A 627 41.05 24.22 24.18
CA THR A 627 42.20 24.28 23.29
C THR A 627 41.85 23.76 21.90
N MET A 628 41.13 22.64 21.84
CA MET A 628 40.66 22.09 20.58
C MET A 628 39.49 22.88 20.00
N GLN A 629 38.91 23.79 20.78
CA GLN A 629 37.80 24.59 20.27
C GLN A 629 38.24 25.60 19.23
N THR A 630 39.53 25.90 19.14
CA THR A 630 40.04 26.85 18.16
C THR A 630 39.44 28.23 18.38
N ILE A 692 -4.73 9.87 -15.78
CA ILE A 692 -5.75 8.87 -16.07
C ILE A 692 -6.37 9.12 -17.44
N PRO A 693 -5.54 9.05 -18.49
CA PRO A 693 -6.06 9.33 -19.83
C PRO A 693 -7.10 8.31 -20.23
N PRO A 694 -8.06 8.69 -21.06
CA PRO A 694 -9.09 7.75 -21.50
C PRO A 694 -8.67 6.96 -22.73
N VAL A 695 -9.52 6.00 -23.10
CA VAL A 695 -9.27 5.16 -24.26
C VAL A 695 -10.59 4.76 -24.91
N SER A 696 -10.51 3.97 -25.98
CA SER A 696 -11.69 3.50 -26.70
C SER A 696 -11.72 1.98 -26.65
N PHE A 697 -12.88 1.43 -26.25
CA PHE A 697 -13.02 -0.01 -26.17
C PHE A 697 -12.70 -0.68 -27.50
N TRP A 698 -13.01 -0.01 -28.62
CA TRP A 698 -12.68 -0.57 -29.92
C TRP A 698 -11.17 -0.72 -30.09
N ARG A 699 -10.41 0.29 -29.68
CA ARG A 699 -8.96 0.23 -29.81
C ARG A 699 -8.36 -0.80 -28.84
N ILE A 700 -8.84 -0.80 -27.60
CA ILE A 700 -8.24 -1.64 -26.57
C ILE A 700 -8.26 -3.11 -26.96
N MET A 701 -9.17 -3.52 -27.84
CA MET A 701 -9.31 -4.93 -28.21
C MET A 701 -8.19 -5.35 -29.16
N LYS A 702 -6.95 -5.15 -28.71
CA LYS A 702 -5.80 -5.63 -29.48
C LYS A 702 -5.78 -7.14 -29.57
N LEU A 703 -6.33 -7.84 -28.58
CA LEU A 703 -6.33 -9.29 -28.59
C LEU A 703 -6.97 -9.86 -29.84
N ASN A 704 -7.63 -9.03 -30.65
CA ASN A 704 -8.12 -9.48 -31.94
C ASN A 704 -7.01 -10.17 -32.73
N LEU A 705 -5.84 -9.53 -32.78
CA LEU A 705 -4.74 -10.13 -33.54
C LEU A 705 -4.47 -11.55 -33.07
N THR A 706 -4.64 -11.81 -31.77
CA THR A 706 -4.36 -13.12 -31.20
C THR A 706 -5.62 -13.98 -31.11
N GLU A 707 -6.64 -13.50 -30.40
CA GLU A 707 -7.76 -14.32 -30.00
C GLU A 707 -8.87 -14.38 -31.05
N TRP A 708 -8.68 -13.78 -32.21
CA TRP A 708 -9.70 -13.83 -33.25
C TRP A 708 -10.18 -15.24 -33.52
N PRO A 709 -9.32 -16.26 -33.63
CA PRO A 709 -9.83 -17.63 -33.70
C PRO A 709 -10.45 -18.11 -32.41
N TYR A 710 -10.18 -17.44 -31.29
CA TYR A 710 -10.67 -17.88 -29.99
C TYR A 710 -12.06 -17.34 -29.68
N PHE A 711 -12.28 -16.04 -29.88
CA PHE A 711 -13.56 -15.45 -29.55
C PHE A 711 -14.71 -16.20 -30.22
N VAL A 712 -14.59 -16.44 -31.52
CA VAL A 712 -15.67 -17.09 -32.27
C VAL A 712 -16.11 -18.36 -31.55
N VAL A 713 -15.18 -19.05 -30.91
CA VAL A 713 -15.54 -20.22 -30.12
C VAL A 713 -16.24 -19.79 -28.83
N GLY A 714 -15.55 -19.02 -28.00
CA GLY A 714 -16.08 -18.72 -26.68
C GLY A 714 -17.48 -18.14 -26.74
N VAL A 715 -17.66 -17.11 -27.57
CA VAL A 715 -18.98 -16.50 -27.68
C VAL A 715 -20.02 -17.55 -28.04
N PHE A 716 -19.71 -18.38 -29.04
CA PHE A 716 -20.63 -19.45 -29.41
C PHE A 716 -20.97 -20.30 -28.20
N CYS A 717 -19.96 -20.67 -27.42
CA CYS A 717 -20.23 -21.37 -26.17
C CYS A 717 -20.99 -20.47 -25.21
N ALA A 718 -20.50 -19.25 -25.01
CA ALA A 718 -21.13 -18.36 -24.04
C ALA A 718 -22.60 -18.16 -24.36
N ILE A 719 -22.90 -17.89 -25.64
CA ILE A 719 -24.30 -17.71 -26.03
C ILE A 719 -25.11 -18.93 -25.63
N ILE A 720 -24.58 -20.13 -25.87
CA ILE A 720 -25.29 -21.34 -25.48
C ILE A 720 -25.56 -21.32 -23.98
N ASN A 721 -24.55 -20.98 -23.19
CA ASN A 721 -24.78 -20.84 -21.75
C ASN A 721 -25.81 -19.76 -21.47
N GLY A 722 -25.72 -18.64 -22.18
CA GLY A 722 -26.74 -17.62 -22.06
C GLY A 722 -28.12 -18.17 -22.37
N GLY A 723 -28.20 -19.12 -23.30
CA GLY A 723 -29.46 -19.76 -23.62
C GLY A 723 -29.76 -20.94 -22.72
N LEU A 724 -28.75 -21.44 -22.01
CA LEU A 724 -28.97 -22.57 -21.13
C LEU A 724 -29.93 -22.21 -19.99
N GLN A 725 -29.64 -21.11 -19.28
CA GLN A 725 -30.49 -20.74 -18.16
C GLN A 725 -31.93 -20.49 -18.57
N PRO A 726 -32.24 -19.69 -19.59
CA PRO A 726 -33.66 -19.51 -19.95
C PRO A 726 -34.34 -20.81 -20.28
N ALA A 727 -33.64 -21.74 -20.92
CA ALA A 727 -34.20 -23.07 -21.16
C ALA A 727 -34.68 -23.67 -19.85
N PHE A 728 -33.84 -23.62 -18.82
CA PHE A 728 -34.25 -24.17 -17.53
C PHE A 728 -35.60 -23.63 -17.11
N ALA A 729 -35.85 -22.35 -17.36
CA ALA A 729 -37.15 -21.79 -17.05
C ALA A 729 -38.22 -22.59 -17.79
N ILE A 730 -38.21 -22.54 -19.12
CA ILE A 730 -39.29 -23.15 -19.88
C ILE A 730 -39.41 -24.62 -19.52
N ILE A 731 -38.29 -25.34 -19.51
CA ILE A 731 -38.32 -26.75 -19.13
C ILE A 731 -38.93 -26.91 -17.75
N PHE A 732 -38.43 -26.15 -16.78
CA PHE A 732 -39.03 -26.20 -15.45
C PHE A 732 -40.52 -25.92 -15.53
N SER A 733 -40.91 -24.88 -16.27
CA SER A 733 -42.31 -24.57 -16.43
C SER A 733 -43.08 -25.80 -16.86
N LYS A 734 -42.56 -26.51 -17.88
CA LYS A 734 -43.28 -27.68 -18.37
C LYS A 734 -43.41 -28.74 -17.29
N ILE A 735 -42.35 -28.96 -16.50
CA ILE A 735 -42.43 -29.95 -15.44
C ILE A 735 -43.51 -29.58 -14.44
N ILE A 736 -43.85 -28.29 -14.34
CA ILE A 736 -45.01 -27.90 -13.55
C ILE A 736 -46.27 -28.06 -14.38
N GLY A 737 -46.26 -27.58 -15.62
CA GLY A 737 -47.46 -27.61 -16.43
C GLY A 737 -48.01 -29.01 -16.62
N VAL A 738 -47.12 -30.00 -16.74
CA VAL A 738 -47.56 -31.38 -16.93
C VAL A 738 -48.54 -31.78 -15.85
N PHE A 739 -48.41 -31.21 -14.65
CA PHE A 739 -49.33 -31.53 -13.56
C PHE A 739 -50.54 -30.61 -13.53
N THR A 740 -50.39 -29.37 -14.00
CA THR A 740 -51.50 -28.43 -13.97
C THR A 740 -52.64 -28.85 -14.89
N ARG A 741 -52.36 -29.69 -15.90
CA ARG A 741 -53.37 -30.08 -16.86
C ARG A 741 -54.34 -31.07 -16.24
N ILE A 742 -55.64 -30.83 -16.48
CA ILE A 742 -56.67 -31.67 -15.86
C ILE A 742 -56.57 -33.11 -16.33
N ASP A 743 -56.07 -33.33 -17.54
CA ASP A 743 -56.01 -34.68 -18.11
C ASP A 743 -55.43 -35.67 -17.08
N ASP A 744 -54.18 -35.45 -16.70
CA ASP A 744 -53.52 -36.23 -15.66
C ASP A 744 -53.72 -37.74 -15.83
N PRO A 745 -53.41 -38.30 -17.01
CA PRO A 745 -53.41 -39.76 -17.14
C PRO A 745 -52.08 -40.35 -16.74
N GLU A 746 -51.95 -41.67 -16.84
CA GLU A 746 -50.67 -42.31 -16.53
C GLU A 746 -49.56 -41.83 -17.46
N THR A 747 -49.91 -41.29 -18.63
CA THR A 747 -48.89 -40.89 -19.59
C THR A 747 -47.94 -39.87 -18.98
N LYS A 748 -48.42 -39.06 -18.04
CA LYS A 748 -47.56 -38.07 -17.41
C LYS A 748 -46.32 -38.71 -16.81
N ARG A 749 -46.46 -39.92 -16.25
CA ARG A 749 -45.30 -40.61 -15.70
C ARG A 749 -44.19 -40.70 -16.72
N GLN A 750 -44.54 -41.05 -17.97
CA GLN A 750 -43.54 -41.00 -19.03
C GLN A 750 -43.11 -39.57 -19.31
N ASN A 751 -44.08 -38.66 -19.46
CA ASN A 751 -43.75 -37.28 -19.81
C ASN A 751 -42.79 -36.67 -18.79
N SER A 752 -43.05 -36.92 -17.49
CA SER A 752 -42.13 -36.43 -16.47
C SER A 752 -40.71 -36.87 -16.77
N ASN A 753 -40.53 -38.15 -17.06
CA ASN A 753 -39.21 -38.64 -17.41
C ASN A 753 -38.64 -37.85 -18.59
N LEU A 754 -39.45 -37.62 -19.61
CA LEU A 754 -38.98 -36.89 -20.79
C LEU A 754 -38.40 -35.54 -20.40
N PHE A 755 -38.89 -34.94 -19.32
CA PHE A 755 -38.30 -33.72 -18.80
C PHE A 755 -37.22 -34.01 -17.78
N SER A 756 -37.43 -34.98 -16.90
CA SER A 756 -36.50 -35.22 -15.80
C SER A 756 -35.09 -35.38 -16.33
N LEU A 757 -34.87 -36.43 -17.14
CA LEU A 757 -33.53 -36.67 -17.67
C LEU A 757 -33.01 -35.44 -18.39
N LEU A 758 -33.89 -34.66 -19.00
CA LEU A 758 -33.45 -33.46 -19.70
C LEU A 758 -32.58 -32.60 -18.79
N PHE A 759 -33.06 -32.32 -17.58
CA PHE A 759 -32.26 -31.57 -16.63
C PHE A 759 -30.84 -32.12 -16.59
N LEU A 760 -30.70 -33.41 -16.30
CA LEU A 760 -29.37 -34.02 -16.30
C LEU A 760 -28.62 -33.63 -17.56
N ALA A 761 -29.15 -34.00 -18.72
CA ALA A 761 -28.50 -33.64 -19.97
C ALA A 761 -28.30 -32.13 -20.04
N LEU A 762 -29.35 -31.37 -19.72
CA LEU A 762 -29.22 -29.92 -19.69
C LEU A 762 -28.04 -29.51 -18.85
N GLY A 763 -27.94 -30.06 -17.64
CA GLY A 763 -26.82 -29.71 -16.78
C GLY A 763 -25.49 -29.98 -17.47
N ILE A 764 -25.37 -31.14 -18.11
CA ILE A 764 -24.14 -31.46 -18.84
C ILE A 764 -23.84 -30.35 -19.83
N ILE A 765 -24.84 -29.95 -20.61
CA ILE A 765 -24.64 -28.86 -21.55
C ILE A 765 -24.14 -27.63 -20.80
N SER A 766 -24.84 -27.27 -19.72
CA SER A 766 -24.41 -26.15 -18.91
C SER A 766 -22.95 -26.31 -18.52
N PHE A 767 -22.57 -27.50 -18.09
CA PHE A 767 -21.17 -27.76 -17.78
C PHE A 767 -20.31 -27.63 -19.03
N ILE A 768 -20.67 -28.35 -20.09
CA ILE A 768 -19.73 -28.61 -21.17
C ILE A 768 -19.22 -27.30 -21.74
N THR A 769 -20.14 -26.40 -22.11
CA THR A 769 -19.72 -25.13 -22.70
C THR A 769 -18.67 -24.46 -21.83
N PHE A 770 -18.95 -24.33 -20.53
CA PHE A 770 -17.99 -23.67 -19.65
C PHE A 770 -16.62 -24.30 -19.81
N PHE A 771 -16.55 -25.63 -19.74
CA PHE A 771 -15.29 -26.31 -19.97
C PHE A 771 -14.60 -25.76 -21.21
N LEU A 772 -15.26 -25.91 -22.36
CA LEU A 772 -14.71 -25.36 -23.59
C LEU A 772 -14.45 -23.87 -23.43
N GLN A 773 -15.45 -23.13 -22.92
CA GLN A 773 -15.27 -21.70 -22.74
C GLN A 773 -14.05 -21.41 -21.88
N GLY A 774 -13.80 -22.26 -20.88
CA GLY A 774 -12.61 -22.06 -20.07
C GLY A 774 -11.34 -22.17 -20.88
N PHE A 775 -11.25 -23.19 -21.72
CA PHE A 775 -10.03 -23.40 -22.49
C PHE A 775 -9.80 -22.21 -23.42
N THR A 776 -10.69 -22.04 -24.40
CA THR A 776 -10.49 -21.02 -25.42
C THR A 776 -10.22 -19.66 -24.78
N PHE A 777 -11.19 -19.13 -24.04
CA PHE A 777 -10.98 -17.84 -23.40
C PHE A 777 -9.79 -17.89 -22.47
N GLY A 778 -9.64 -19.00 -21.74
CA GLY A 778 -8.48 -19.12 -20.87
C GLY A 778 -7.18 -18.94 -21.64
N LYS A 779 -7.09 -19.55 -22.82
CA LYS A 779 -5.95 -19.29 -23.69
C LYS A 779 -5.97 -17.85 -24.20
N ALA A 780 -7.14 -17.39 -24.65
CA ALA A 780 -7.23 -16.09 -25.29
C ALA A 780 -6.66 -15.00 -24.38
N GLY A 781 -7.12 -14.95 -23.14
CA GLY A 781 -6.53 -14.03 -22.19
C GLY A 781 -5.07 -14.37 -21.92
N GLU A 782 -4.80 -15.66 -21.66
CA GLU A 782 -3.45 -16.05 -21.27
C GLU A 782 -2.44 -15.61 -22.33
N ILE A 783 -2.74 -15.87 -23.60
CA ILE A 783 -1.83 -15.47 -24.66
C ILE A 783 -1.54 -13.98 -24.55
N LEU A 784 -2.60 -13.18 -24.38
CA LEU A 784 -2.41 -11.75 -24.24
C LEU A 784 -1.44 -11.46 -23.10
N THR A 785 -1.64 -12.09 -21.95
CA THR A 785 -0.77 -11.86 -20.81
C THR A 785 0.69 -12.02 -21.22
N LYS A 786 0.99 -13.03 -22.02
CA LYS A 786 2.34 -13.14 -22.57
C LYS A 786 2.62 -11.98 -23.51
N ARG A 787 1.90 -11.91 -24.63
CA ARG A 787 2.26 -10.99 -25.69
C ARG A 787 2.37 -9.57 -25.16
N LEU A 788 1.33 -9.09 -24.48
CA LEU A 788 1.35 -7.74 -23.94
C LEU A 788 2.61 -7.53 -23.11
N ARG A 789 2.89 -8.43 -22.18
CA ARG A 789 4.10 -8.31 -21.39
C ARG A 789 5.33 -8.22 -22.30
N TYR A 790 5.46 -9.18 -23.22
CA TYR A 790 6.62 -9.19 -24.10
C TYR A 790 6.76 -7.89 -24.86
N MET A 791 5.66 -7.17 -25.05
CA MET A 791 5.75 -5.85 -25.67
C MET A 791 6.10 -4.79 -24.64
N VAL A 792 5.31 -4.70 -23.56
CA VAL A 792 5.44 -3.56 -22.66
C VAL A 792 6.85 -3.49 -22.08
N PHE A 793 7.35 -4.63 -21.59
CA PHE A 793 8.72 -4.67 -21.09
C PHE A 793 9.68 -4.14 -22.15
N ARG A 794 9.57 -4.66 -23.38
CA ARG A 794 10.36 -4.14 -24.47
C ARG A 794 10.18 -2.64 -24.59
N SER A 795 8.92 -2.19 -24.58
CA SER A 795 8.65 -0.76 -24.64
C SER A 795 9.38 -0.01 -23.54
N MET A 796 9.41 -0.59 -22.34
CA MET A 796 10.14 0.05 -21.25
C MET A 796 11.63 0.14 -21.57
N LEU A 797 12.20 -0.94 -22.10
CA LEU A 797 13.63 -0.91 -22.43
C LEU A 797 13.92 0.17 -23.47
N ARG A 798 13.10 0.26 -24.51
CA ARG A 798 13.26 1.28 -25.54
C ARG A 798 12.76 2.62 -24.97
N GLN A 799 13.52 3.12 -24.00
CA GLN A 799 13.19 4.39 -23.37
C GLN A 799 14.46 5.02 -22.84
N ASP A 800 14.48 6.35 -22.82
CA ASP A 800 15.64 7.07 -22.34
C ASP A 800 15.77 6.97 -20.83
N VAL A 801 16.98 7.19 -20.34
CA VAL A 801 17.22 7.15 -18.90
C VAL A 801 16.37 8.18 -18.18
N SER A 802 16.18 9.35 -18.81
CA SER A 802 15.37 10.40 -18.20
C SER A 802 14.00 9.87 -17.81
N TRP A 803 13.38 9.09 -18.69
CA TRP A 803 12.06 8.53 -18.38
C TRP A 803 12.08 7.78 -17.05
N PHE A 804 13.07 6.91 -16.87
CA PHE A 804 13.19 6.22 -15.60
C PHE A 804 13.48 7.19 -14.47
N ASP A 805 14.16 8.30 -14.76
CA ASP A 805 14.49 9.26 -13.72
C ASP A 805 13.26 9.82 -13.04
N ASP A 806 12.10 9.77 -13.69
CA ASP A 806 10.89 10.31 -13.09
C ASP A 806 10.53 9.49 -11.86
N PRO A 807 10.26 10.14 -10.73
CA PRO A 807 9.90 9.37 -9.52
C PRO A 807 8.67 8.53 -9.71
N LYS A 808 7.72 8.96 -10.54
CA LYS A 808 6.53 8.16 -10.79
C LYS A 808 6.90 6.80 -11.36
N ASN A 809 7.84 6.75 -12.30
CA ASN A 809 8.29 5.49 -12.87
C ASN A 809 9.29 4.82 -11.94
N THR A 810 8.95 4.71 -10.65
CA THR A 810 9.84 4.05 -9.71
C THR A 810 10.08 2.62 -10.14
N THR A 811 11.33 2.16 -9.99
CA THR A 811 11.69 0.83 -10.43
C THR A 811 10.73 -0.21 -9.88
N GLY A 812 10.44 -0.14 -8.58
CA GLY A 812 9.46 -1.04 -8.00
C GLY A 812 8.08 -0.85 -8.61
N ALA A 813 7.68 0.41 -8.81
CA ALA A 813 6.38 0.68 -9.42
C ALA A 813 6.31 0.16 -10.85
N LEU A 814 7.37 0.38 -11.62
CA LEU A 814 7.39 -0.13 -12.98
C LEU A 814 7.32 -1.64 -13.00
N THR A 815 8.05 -2.30 -12.09
CA THR A 815 7.99 -3.75 -12.00
C THR A 815 6.56 -4.20 -11.68
N THR A 816 5.95 -3.58 -10.68
CA THR A 816 4.59 -3.97 -10.29
C THR A 816 3.63 -3.80 -11.45
N ARG A 817 3.73 -2.69 -12.17
CA ARG A 817 2.88 -2.49 -13.34
C ARG A 817 3.13 -3.56 -14.38
N LEU A 818 4.39 -3.91 -14.62
CA LEU A 818 4.72 -4.98 -15.53
C LEU A 818 4.15 -6.32 -15.05
N ALA A 819 3.89 -6.46 -13.75
CA ALA A 819 3.39 -7.70 -13.18
C ALA A 819 1.90 -7.67 -12.93
N ASN A 820 1.40 -6.63 -12.28
CA ASN A 820 -0.01 -6.56 -11.88
C ASN A 820 -0.87 -5.89 -12.95
N ASP A 821 -0.76 -6.37 -14.18
CA ASP A 821 -1.59 -5.89 -15.28
C ASP A 821 -2.17 -6.99 -16.15
N ALA A 822 -1.58 -8.18 -16.16
CA ALA A 822 -2.16 -9.27 -16.93
C ALA A 822 -3.60 -9.52 -16.53
N ALA A 823 -3.84 -9.71 -15.23
CA ALA A 823 -5.20 -9.98 -14.76
C ALA A 823 -6.14 -8.82 -15.01
N GLN A 824 -5.60 -7.61 -15.21
CA GLN A 824 -6.45 -6.46 -15.47
C GLN A 824 -6.84 -6.38 -16.94
N VAL A 825 -5.84 -6.37 -17.83
CA VAL A 825 -6.13 -6.25 -19.26
C VAL A 825 -6.91 -7.47 -19.74
N LYS A 826 -6.54 -8.67 -19.29
CA LYS A 826 -7.29 -9.85 -19.68
C LYS A 826 -8.77 -9.68 -19.35
N GLY A 827 -9.06 -9.25 -18.12
CA GLY A 827 -10.45 -9.06 -17.74
C GLY A 827 -11.15 -8.00 -18.56
N ALA A 828 -10.45 -6.88 -18.81
CA ALA A 828 -11.07 -5.80 -19.56
C ALA A 828 -11.42 -6.24 -20.97
N ILE A 829 -10.54 -7.00 -21.61
CA ILE A 829 -10.78 -7.40 -22.99
C ILE A 829 -11.72 -8.61 -23.05
N GLY A 830 -11.31 -9.71 -22.43
CA GLY A 830 -12.06 -10.95 -22.54
C GLY A 830 -13.24 -11.04 -21.59
N SER A 831 -12.99 -10.92 -20.29
CA SER A 831 -14.03 -11.17 -19.31
C SER A 831 -15.22 -10.23 -19.51
N ARG A 832 -14.94 -8.95 -19.75
CA ARG A 832 -16.04 -8.00 -19.97
C ARG A 832 -16.90 -8.45 -21.15
N LEU A 833 -16.26 -8.80 -22.27
CA LEU A 833 -17.00 -9.22 -23.44
C LEU A 833 -17.79 -10.48 -23.16
N ALA A 834 -17.17 -11.46 -22.52
CA ALA A 834 -17.85 -12.72 -22.26
C ALA A 834 -19.07 -12.50 -21.38
N VAL A 835 -18.92 -11.71 -20.32
CA VAL A 835 -20.04 -11.47 -19.42
C VAL A 835 -21.13 -10.69 -20.14
N ILE A 836 -20.76 -9.69 -20.92
CA ILE A 836 -21.76 -8.89 -21.62
C ILE A 836 -22.57 -9.77 -22.56
N THR A 837 -21.87 -10.56 -23.38
CA THR A 837 -22.59 -11.41 -24.32
C THR A 837 -23.45 -12.43 -23.60
N GLN A 838 -22.93 -13.05 -22.53
CA GLN A 838 -23.69 -14.06 -21.81
C GLN A 838 -24.95 -13.46 -21.20
N ASN A 839 -24.80 -12.37 -20.47
CA ASN A 839 -25.95 -11.74 -19.83
C ASN A 839 -26.95 -11.24 -20.86
N ILE A 840 -26.47 -10.62 -21.93
CA ILE A 840 -27.37 -10.09 -22.95
C ILE A 840 -28.15 -11.22 -23.59
N ALA A 841 -27.46 -12.30 -23.97
CA ALA A 841 -28.14 -13.44 -24.57
C ALA A 841 -29.19 -14.00 -23.63
N ASN A 842 -28.82 -14.20 -22.36
CA ASN A 842 -29.75 -14.81 -21.41
C ASN A 842 -30.98 -13.95 -21.23
N LEU A 843 -30.78 -12.66 -20.90
CA LEU A 843 -31.93 -11.82 -20.60
C LEU A 843 -32.77 -11.57 -21.85
N GLY A 844 -32.14 -11.41 -23.00
CA GLY A 844 -32.89 -11.22 -24.22
C GLY A 844 -33.72 -12.44 -24.58
N THR A 845 -33.13 -13.63 -24.44
CA THR A 845 -33.90 -14.85 -24.67
C THR A 845 -35.08 -14.92 -23.72
N GLY A 846 -34.84 -14.65 -22.44
CA GLY A 846 -35.93 -14.70 -21.49
C GLY A 846 -37.05 -13.73 -21.83
N ILE A 847 -36.68 -12.49 -22.14
CA ILE A 847 -37.69 -11.48 -22.43
C ILE A 847 -38.46 -11.83 -23.68
N ILE A 848 -37.75 -12.25 -24.74
CA ILE A 848 -38.42 -12.56 -25.99
C ILE A 848 -39.36 -13.74 -25.82
N ILE A 849 -38.90 -14.79 -25.12
CA ILE A 849 -39.75 -15.95 -24.90
C ILE A 849 -40.97 -15.55 -24.10
N SER A 850 -40.78 -14.74 -23.06
CA SER A 850 -41.92 -14.26 -22.28
C SER A 850 -42.92 -13.54 -23.17
N PHE A 851 -42.44 -12.58 -23.96
CA PHE A 851 -43.32 -11.87 -24.87
C PHE A 851 -44.05 -12.81 -25.81
N ILE A 852 -43.39 -13.89 -26.22
CA ILE A 852 -44.05 -14.86 -27.09
C ILE A 852 -45.23 -15.49 -26.37
N TYR A 853 -44.99 -15.98 -25.15
CA TYR A 853 -46.02 -16.68 -24.40
C TYR A 853 -46.83 -15.77 -23.50
N GLY A 854 -46.48 -14.49 -23.39
CA GLY A 854 -47.24 -13.59 -22.55
C GLY A 854 -46.81 -12.15 -22.70
N TRP A 855 -47.77 -11.23 -22.80
CA TRP A 855 -47.47 -9.82 -22.97
C TRP A 855 -47.80 -8.98 -21.75
N GLN A 856 -48.86 -9.31 -21.01
CA GLN A 856 -49.28 -8.48 -19.89
C GLN A 856 -48.37 -8.69 -18.67
N LEU A 857 -48.35 -9.91 -18.14
CA LEU A 857 -47.43 -10.22 -17.07
C LEU A 857 -45.99 -9.95 -17.50
N THR A 858 -45.68 -10.22 -18.77
CA THR A 858 -44.34 -9.94 -19.27
C THR A 858 -44.01 -8.46 -19.14
N LEU A 859 -44.93 -7.59 -19.56
CA LEU A 859 -44.69 -6.15 -19.46
C LEU A 859 -44.59 -5.70 -18.02
N LEU A 860 -45.47 -6.22 -17.15
CA LEU A 860 -45.42 -5.82 -15.75
C LEU A 860 -44.09 -6.22 -15.12
N LEU A 861 -43.64 -7.45 -15.37
CA LEU A 861 -42.36 -7.89 -14.83
C LEU A 861 -41.20 -7.10 -15.42
N LEU A 862 -41.27 -6.80 -16.73
CA LEU A 862 -40.18 -6.06 -17.36
C LEU A 862 -40.08 -4.65 -16.82
N ALA A 863 -41.21 -4.04 -16.46
CA ALA A 863 -41.20 -2.71 -15.86
C ALA A 863 -40.99 -2.76 -14.35
N ILE A 864 -41.07 -3.92 -13.72
CA ILE A 864 -40.85 -4.02 -12.29
C ILE A 864 -39.40 -4.35 -11.97
N VAL A 865 -38.75 -5.18 -12.81
CA VAL A 865 -37.35 -5.53 -12.56
C VAL A 865 -36.46 -4.30 -12.46
N PRO A 866 -36.64 -3.24 -13.25
CA PRO A 866 -35.75 -2.08 -13.11
C PRO A 866 -35.76 -1.50 -11.72
N ILE A 867 -36.85 -1.65 -10.97
CA ILE A 867 -36.83 -1.23 -9.56
C ILE A 867 -35.75 -2.00 -8.82
N ILE A 868 -35.67 -3.31 -9.05
CA ILE A 868 -34.65 -4.12 -8.41
C ILE A 868 -33.25 -3.73 -8.90
N ALA A 869 -33.12 -3.45 -10.20
CA ALA A 869 -31.84 -3.05 -10.73
C ALA A 869 -31.36 -1.75 -10.07
N ILE A 870 -32.27 -0.78 -9.95
CA ILE A 870 -31.94 0.47 -9.28
C ILE A 870 -31.60 0.21 -7.83
N ALA A 871 -32.33 -0.70 -7.18
CA ALA A 871 -32.03 -1.02 -5.80
C ALA A 871 -30.59 -1.51 -5.65
N GLY A 872 -30.21 -2.49 -6.46
CA GLY A 872 -28.86 -3.04 -6.37
C GLY A 872 -27.79 -2.02 -6.71
N VAL A 873 -27.99 -1.27 -7.79
CA VAL A 873 -27.00 -0.28 -8.20
C VAL A 873 -26.85 0.79 -7.14
N VAL A 874 -27.97 1.27 -6.59
CA VAL A 874 -27.91 2.29 -5.56
C VAL A 874 -27.25 1.74 -4.31
N GLU A 875 -27.53 0.48 -3.97
CA GLU A 875 -26.88 -0.11 -2.80
C GLU A 875 -25.37 -0.12 -2.97
N MET A 876 -24.89 -0.59 -4.12
CA MET A 876 -23.45 -0.64 -4.36
C MET A 876 -22.84 0.76 -4.35
N LYS A 877 -23.50 1.70 -5.03
CA LYS A 877 -22.98 3.06 -5.10
C LYS A 877 -22.93 3.70 -3.71
N MET A 878 -23.98 3.50 -2.92
CA MET A 878 -24.01 4.04 -1.56
C MET A 878 -22.91 3.41 -0.72
N LEU A 879 -22.70 2.10 -0.84
CA LEU A 879 -21.63 1.47 -0.10
C LEU A 879 -20.28 2.10 -0.43
N SER A 880 -19.99 2.21 -1.73
CA SER A 880 -18.70 2.78 -2.13
C SER A 880 -18.56 4.22 -1.65
N GLY A 881 -19.60 5.04 -1.85
CA GLY A 881 -19.51 6.43 -1.47
C GLY A 881 -19.37 6.62 0.03
N GLN A 882 -20.13 5.85 0.81
CA GLN A 882 -20.02 5.93 2.25
C GLN A 882 -18.64 5.50 2.71
N ALA A 883 -18.08 4.44 2.11
CA ALA A 883 -16.73 4.04 2.44
C ALA A 883 -15.75 5.18 2.19
N LEU A 884 -15.84 5.80 1.02
CA LEU A 884 -14.91 6.87 0.68
C LEU A 884 -15.06 8.06 1.63
N LYS A 885 -16.30 8.44 1.94
CA LYS A 885 -16.53 9.58 2.83
C LYS A 885 -16.02 9.28 4.24
N ASP A 886 -16.28 8.08 4.74
CA ASP A 886 -15.79 7.70 6.06
C ASP A 886 -14.27 7.74 6.08
N LYS A 887 -13.63 7.23 5.02
CA LYS A 887 -12.18 7.30 4.95
C LYS A 887 -11.69 8.73 4.96
N LYS A 888 -12.39 9.62 4.24
CA LYS A 888 -11.97 11.01 4.19
C LYS A 888 -12.04 11.66 5.57
N GLU A 889 -13.16 11.47 6.27
CA GLU A 889 -13.28 12.07 7.60
C GLU A 889 -12.28 11.44 8.57
N LEU A 890 -12.06 10.13 8.45
CA LEU A 890 -11.07 9.46 9.27
C LEU A 890 -9.69 10.05 9.04
N GLU A 891 -9.35 10.35 7.78
CA GLU A 891 -8.07 11.00 7.50
C GLU A 891 -8.03 12.41 8.08
N GLY A 892 -9.15 13.12 8.03
CA GLY A 892 -9.20 14.43 8.64
C GLY A 892 -8.86 14.39 10.11
N SER A 893 -9.34 13.35 10.81
CA SER A 893 -8.99 13.18 12.22
C SER A 893 -7.58 12.62 12.40
N GLY A 894 -7.14 11.77 11.47
CA GLY A 894 -5.82 11.17 11.58
C GLY A 894 -4.71 12.17 11.37
N LYS A 895 -4.99 13.27 10.65
CA LYS A 895 -4.02 14.35 10.60
C LYS A 895 -3.67 14.82 12.00
N ILE A 896 -4.70 15.14 12.80
CA ILE A 896 -4.47 15.55 14.18
C ILE A 896 -3.81 14.42 14.96
N ALA A 897 -4.29 13.19 14.77
CA ALA A 897 -3.73 12.07 15.53
C ALA A 897 -2.23 11.94 15.29
N THR A 898 -1.83 11.86 14.02
CA THR A 898 -0.42 11.69 13.70
C THR A 898 0.40 12.89 14.15
N GLU A 899 -0.10 14.10 13.94
CA GLU A 899 0.61 15.27 14.40
C GLU A 899 0.81 15.27 15.91
N ALA A 900 0.01 14.50 16.65
CA ALA A 900 0.13 14.37 18.10
C ALA A 900 0.71 13.03 18.51
N ILE A 901 1.26 12.26 17.57
CA ILE A 901 1.91 10.99 17.85
C ILE A 901 3.36 11.01 17.42
N GLU A 902 3.64 11.49 16.21
CA GLU A 902 5.02 11.62 15.77
C GLU A 902 5.81 12.57 16.68
N ASN A 903 5.13 13.55 17.28
CA ASN A 903 5.75 14.50 18.19
C ASN A 903 5.58 14.08 19.65
N PHE A 904 5.53 12.77 19.92
CA PHE A 904 5.15 12.30 21.24
C PHE A 904 6.13 12.80 22.30
N ARG A 905 7.43 12.79 22.01
CA ARG A 905 8.41 13.20 23.02
C ARG A 905 8.17 14.63 23.46
N THR A 906 8.09 15.56 22.51
CA THR A 906 7.84 16.95 22.87
C THR A 906 6.45 17.10 23.47
N VAL A 907 5.50 16.26 23.09
CA VAL A 907 4.17 16.33 23.69
C VAL A 907 4.24 16.03 25.17
N VAL A 908 4.87 14.92 25.55
CA VAL A 908 5.00 14.58 26.96
C VAL A 908 5.81 15.65 27.68
N SER A 909 6.84 16.18 27.02
CA SER A 909 7.57 17.29 27.61
C SER A 909 6.63 18.45 27.90
N LEU A 910 5.63 18.66 27.04
CA LEU A 910 4.65 19.72 27.22
C LEU A 910 3.51 19.33 28.14
N THR A 911 3.31 18.04 28.40
CA THR A 911 2.24 17.57 29.27
C THR A 911 0.88 18.08 28.79
N GLN A 912 0.70 18.16 27.46
CA GLN A 912 -0.53 18.63 26.86
C GLN A 912 -1.39 17.49 26.31
N GLU A 913 -1.13 16.25 26.75
CA GLU A 913 -1.81 15.11 26.17
C GLU A 913 -3.32 15.26 26.24
N GLN A 914 -3.83 15.78 27.37
CA GLN A 914 -5.27 15.90 27.53
C GLN A 914 -5.88 16.83 26.50
N LYS A 915 -5.20 17.95 26.22
CA LYS A 915 -5.72 18.89 25.24
C LYS A 915 -5.83 18.25 23.86
N PHE A 916 -4.80 17.49 23.46
CA PHE A 916 -4.87 16.78 22.19
C PHE A 916 -5.96 15.72 22.22
N GLU A 917 -6.18 15.09 23.37
CA GLU A 917 -7.28 14.13 23.48
C GLU A 917 -8.61 14.82 23.23
N HIS A 918 -8.80 16.01 23.80
CA HIS A 918 -10.04 16.76 23.55
C HIS A 918 -10.16 17.15 22.09
N MET A 919 -9.05 17.56 21.47
CA MET A 919 -9.09 17.92 20.05
C MET A 919 -9.51 16.72 19.21
N TYR A 920 -8.94 15.54 19.49
CA TYR A 920 -9.31 14.35 18.77
C TYR A 920 -10.76 13.96 19.04
N ALA A 921 -11.22 14.19 20.27
CA ALA A 921 -12.61 13.91 20.60
C ALA A 921 -13.54 14.77 19.76
N GLN A 922 -13.21 16.05 19.58
CA GLN A 922 -14.01 16.90 18.71
C GLN A 922 -13.95 16.40 17.26
N SER A 923 -12.73 16.08 16.79
CA SER A 923 -12.57 15.62 15.42
C SER A 923 -13.29 14.31 15.17
N LEU A 924 -13.57 13.54 16.22
CA LEU A 924 -14.33 12.30 16.07
C LEU A 924 -15.82 12.52 16.23
N GLN A 925 -16.22 13.44 17.12
CA GLN A 925 -17.63 13.78 17.26
C GLN A 925 -18.18 14.37 15.97
N VAL A 926 -17.33 15.03 15.19
CA VAL A 926 -17.80 15.61 13.94
C VAL A 926 -18.33 14.51 13.02
N PRO A 927 -17.54 13.48 12.68
CA PRO A 927 -18.02 12.45 11.76
C PRO A 927 -18.80 11.31 12.40
N TYR A 928 -18.88 11.24 13.73
CA TYR A 928 -19.66 10.19 14.37
C TYR A 928 -21.13 10.27 13.94
N ARG A 929 -21.70 11.48 13.98
CA ARG A 929 -23.08 11.66 13.57
C ARG A 929 -23.26 11.32 12.09
N ASN A 930 -22.30 11.72 11.26
CA ASN A 930 -22.37 11.36 9.85
C ASN A 930 -22.38 9.85 9.66
N SER A 931 -21.56 9.15 10.43
CA SER A 931 -21.53 7.69 10.35
C SER A 931 -22.88 7.10 10.73
N LEU A 932 -23.47 7.58 11.82
CA LEU A 932 -24.77 7.08 12.23
C LEU A 932 -25.82 7.31 11.15
N ARG A 933 -25.85 8.52 10.60
CA ARG A 933 -26.84 8.82 9.57
C ARG A 933 -26.63 7.95 8.35
N LYS A 934 -25.38 7.76 7.94
CA LYS A 934 -25.09 6.89 6.80
C LYS A 934 -25.56 5.47 7.07
N ALA A 935 -25.36 5.00 8.30
CA ALA A 935 -25.84 3.67 8.67
C ALA A 935 -27.35 3.58 8.50
N HIS A 936 -28.08 4.59 9.00
CA HIS A 936 -29.52 4.58 8.86
C HIS A 936 -29.93 4.54 7.39
N ILE A 937 -29.29 5.38 6.58
CA ILE A 937 -29.67 5.47 5.16
C ILE A 937 -29.41 4.14 4.47
N PHE A 938 -28.24 3.55 4.71
CA PHE A 938 -27.92 2.28 4.09
C PHE A 938 -28.91 1.20 4.51
N GLY A 939 -29.27 1.19 5.80
CA GLY A 939 -30.23 0.21 6.26
C GLY A 939 -31.59 0.35 5.58
N ILE A 940 -32.08 1.59 5.48
CA ILE A 940 -33.37 1.81 4.82
C ILE A 940 -33.31 1.35 3.38
N THR A 941 -32.23 1.71 2.67
CA THR A 941 -32.11 1.31 1.28
C THR A 941 -32.08 -0.20 1.14
N PHE A 942 -31.32 -0.88 2.01
CA PHE A 942 -31.22 -2.33 1.92
C PHE A 942 -32.56 -2.99 2.21
N SER A 943 -33.29 -2.48 3.21
CA SER A 943 -34.60 -3.04 3.51
C SER A 943 -35.54 -2.90 2.33
N PHE A 944 -35.54 -1.72 1.69
CA PHE A 944 -36.36 -1.54 0.50
C PHE A 944 -35.96 -2.52 -0.58
N THR A 945 -34.66 -2.70 -0.79
CA THR A 945 -34.20 -3.63 -1.82
C THR A 945 -34.70 -5.05 -1.53
N GLN A 946 -34.68 -5.45 -0.26
CA GLN A 946 -35.07 -6.81 0.07
C GLN A 946 -36.58 -7.01 -0.04
N ALA A 947 -37.37 -6.03 0.42
CA ALA A 947 -38.82 -6.16 0.37
C ALA A 947 -39.36 -5.99 -1.05
N MET A 948 -38.59 -5.37 -1.94
CA MET A 948 -39.07 -5.16 -3.30
C MET A 948 -39.38 -6.48 -3.98
N MET A 949 -38.53 -7.49 -3.79
CA MET A 949 -38.76 -8.78 -4.44
C MET A 949 -40.03 -9.45 -3.94
N TYR A 950 -40.28 -9.40 -2.64
CA TYR A 950 -41.50 -9.99 -2.10
C TYR A 950 -42.73 -9.27 -2.65
N PHE A 951 -42.70 -7.95 -2.64
CA PHE A 951 -43.83 -7.20 -3.19
C PHE A 951 -44.01 -7.52 -4.67
N SER A 952 -42.92 -7.67 -5.41
CA SER A 952 -43.01 -7.98 -6.82
C SER A 952 -43.63 -9.35 -7.05
N TYR A 953 -43.26 -10.33 -6.24
CA TYR A 953 -43.91 -11.63 -6.35
C TYR A 953 -45.40 -11.51 -6.08
N ALA A 954 -45.76 -10.75 -5.04
CA ALA A 954 -47.18 -10.57 -4.73
C ALA A 954 -47.92 -9.99 -5.93
N GLY A 955 -47.41 -8.88 -6.47
CA GLY A 955 -48.10 -8.23 -7.57
C GLY A 955 -48.14 -9.10 -8.81
N CYS A 956 -47.03 -9.75 -9.13
CA CYS A 956 -46.98 -10.58 -10.34
C CYS A 956 -47.97 -11.73 -10.25
N PHE A 957 -48.07 -12.39 -9.10
CA PHE A 957 -48.99 -13.50 -9.00
C PHE A 957 -50.44 -13.04 -8.93
N ARG A 958 -50.70 -11.89 -8.29
CA ARG A 958 -52.05 -11.34 -8.32
C ARG A 958 -52.48 -11.06 -9.76
N PHE A 959 -51.61 -10.44 -10.55
CA PHE A 959 -51.93 -10.18 -11.94
C PHE A 959 -52.06 -11.47 -12.72
N GLY A 960 -51.21 -12.45 -12.43
CA GLY A 960 -51.32 -13.74 -13.12
C GLY A 960 -52.66 -14.38 -12.90
N ALA A 961 -53.15 -14.34 -11.66
CA ALA A 961 -54.50 -14.82 -11.39
C ALA A 961 -55.52 -13.98 -12.15
N TYR A 962 -55.36 -12.65 -12.11
CA TYR A 962 -56.29 -11.76 -12.78
C TYR A 962 -56.39 -12.07 -14.26
N LEU A 963 -55.35 -12.66 -14.84
CA LEU A 963 -55.37 -13.07 -16.23
C LEU A 963 -55.93 -14.47 -16.42
N VAL A 964 -55.41 -15.44 -15.67
CA VAL A 964 -55.78 -16.83 -15.91
C VAL A 964 -57.26 -17.05 -15.61
N ALA A 965 -57.79 -16.39 -14.56
CA ALA A 965 -59.22 -16.48 -14.31
C ALA A 965 -60.01 -16.05 -15.54
N HIS A 966 -59.55 -15.00 -16.21
CA HIS A 966 -60.12 -14.60 -17.49
C HIS A 966 -59.60 -15.44 -18.65
N LYS A 967 -58.92 -16.55 -18.36
CA LYS A 967 -58.44 -17.46 -19.39
C LYS A 967 -57.53 -16.75 -20.39
N LEU A 968 -56.84 -15.70 -19.93
CA LEU A 968 -55.95 -14.95 -20.80
C LEU A 968 -54.61 -15.65 -21.00
N MET A 969 -54.18 -16.47 -20.06
CA MET A 969 -52.88 -17.13 -20.15
C MET A 969 -52.88 -18.37 -19.27
N SER A 970 -52.25 -19.42 -19.77
CA SER A 970 -52.15 -20.66 -19.00
C SER A 970 -51.30 -20.46 -17.76
N PHE A 971 -51.75 -21.02 -16.64
CA PHE A 971 -50.95 -20.97 -15.42
C PHE A 971 -49.54 -21.43 -15.68
N GLU A 972 -49.38 -22.52 -16.45
CA GLU A 972 -48.05 -22.93 -16.87
C GLU A 972 -47.33 -21.78 -17.56
N ASP A 973 -48.06 -21.01 -18.36
CA ASP A 973 -47.46 -19.85 -19.01
C ASP A 973 -47.04 -18.81 -17.97
N VAL A 974 -47.83 -18.64 -16.92
CA VAL A 974 -47.47 -17.68 -15.88
C VAL A 974 -46.18 -18.10 -15.20
N LEU A 975 -46.07 -19.37 -14.84
CA LEU A 975 -44.83 -19.86 -14.24
C LEU A 975 -43.67 -19.69 -15.21
N LEU A 976 -43.89 -20.02 -16.48
CA LEU A 976 -42.86 -19.84 -17.49
C LEU A 976 -42.32 -18.41 -17.47
N VAL A 977 -43.22 -17.44 -17.65
CA VAL A 977 -42.77 -16.06 -17.76
C VAL A 977 -42.08 -15.61 -16.48
N PHE A 978 -42.70 -15.90 -15.34
CA PHE A 978 -42.15 -15.43 -14.06
C PHE A 978 -40.75 -16.01 -13.83
N SER A 979 -40.64 -17.34 -13.90
CA SER A 979 -39.35 -17.97 -13.66
C SER A 979 -38.33 -17.48 -14.67
N ALA A 980 -38.67 -17.52 -15.95
CA ALA A 980 -37.75 -17.06 -16.98
C ALA A 980 -37.18 -15.69 -16.61
N VAL A 981 -38.06 -14.69 -16.48
CA VAL A 981 -37.57 -13.33 -16.30
C VAL A 981 -36.78 -13.20 -15.01
N VAL A 982 -37.34 -13.71 -13.90
CA VAL A 982 -36.73 -13.43 -12.60
C VAL A 982 -35.41 -14.17 -12.45
N PHE A 983 -35.38 -15.46 -12.81
CA PHE A 983 -34.14 -16.21 -12.70
C PHE A 983 -33.11 -15.77 -13.72
N GLY A 984 -33.55 -15.26 -14.87
CA GLY A 984 -32.61 -14.65 -15.78
C GLY A 984 -31.96 -13.43 -15.18
N ALA A 985 -32.76 -12.58 -14.53
CA ALA A 985 -32.20 -11.43 -13.84
C ALA A 985 -31.22 -11.87 -12.76
N MET A 986 -31.59 -12.89 -11.98
CA MET A 986 -30.73 -13.36 -10.91
C MET A 986 -29.40 -13.88 -11.46
N ALA A 987 -29.47 -14.74 -12.48
CA ALA A 987 -28.24 -15.30 -13.06
C ALA A 987 -27.38 -14.21 -13.68
N VAL A 988 -28.01 -13.24 -14.35
CA VAL A 988 -27.24 -12.16 -14.96
C VAL A 988 -26.51 -11.37 -13.89
N GLY A 989 -27.22 -11.01 -12.81
CA GLY A 989 -26.55 -10.31 -11.72
C GLY A 989 -25.41 -11.10 -11.14
N GLN A 990 -25.63 -12.41 -10.93
CA GLN A 990 -24.58 -13.25 -10.37
C GLN A 990 -23.34 -13.27 -11.26
N VAL A 991 -23.54 -13.53 -12.55
CA VAL A 991 -22.41 -13.59 -13.46
C VAL A 991 -21.69 -12.25 -13.52
N SER A 992 -22.46 -11.15 -13.58
CA SER A 992 -21.84 -9.83 -13.59
C SER A 992 -20.96 -9.65 -12.37
N SER A 993 -21.46 -10.03 -11.20
CA SER A 993 -20.65 -9.93 -9.98
C SER A 993 -19.55 -10.98 -9.93
N PHE A 994 -19.55 -11.94 -10.84
CA PHE A 994 -18.55 -13.02 -10.84
C PHE A 994 -17.26 -12.61 -11.53
N ALA A 995 -17.35 -12.00 -12.72
CA ALA A 995 -16.16 -11.70 -13.50
C ALA A 995 -15.38 -10.53 -12.91
N PRO A 996 -14.11 -10.39 -13.27
CA PRO A 996 -13.30 -9.29 -12.74
C PRO A 996 -13.86 -7.93 -13.12
N ASP A 997 -13.64 -6.96 -12.23
CA ASP A 997 -14.21 -5.63 -12.41
C ASP A 997 -13.69 -4.98 -13.69
N TYR A 998 -14.59 -4.27 -14.37
CA TYR A 998 -14.20 -3.56 -15.59
C TYR A 998 -13.43 -2.28 -15.28
N ALA A 999 -13.84 -1.56 -14.24
CA ALA A 999 -13.30 -0.23 -13.99
C ALA A 999 -11.79 -0.27 -13.80
N LYS A 1000 -11.33 -0.97 -12.76
CA LYS A 1000 -9.90 -1.04 -12.49
C LYS A 1000 -9.17 -1.65 -13.67
N ALA A 1001 -9.76 -2.68 -14.28
CA ALA A 1001 -9.16 -3.28 -15.46
C ALA A 1001 -9.04 -2.27 -16.58
N LYS A 1002 -10.08 -1.47 -16.80
CA LYS A 1002 -10.04 -0.47 -17.87
C LYS A 1002 -8.92 0.53 -17.64
N ILE A 1003 -8.81 1.04 -16.41
CA ILE A 1003 -7.79 2.05 -16.15
C ILE A 1003 -6.39 1.44 -16.26
N SER A 1004 -6.22 0.19 -15.83
CA SER A 1004 -4.93 -0.48 -15.99
C SER A 1004 -4.58 -0.63 -17.46
N ALA A 1005 -5.57 -1.01 -18.28
CA ALA A 1005 -5.34 -1.11 -19.71
C ALA A 1005 -4.95 0.24 -20.28
N ALA A 1006 -5.60 1.31 -19.81
CA ALA A 1006 -5.24 2.65 -20.28
C ALA A 1006 -3.80 2.98 -19.93
N HIS A 1007 -3.40 2.70 -18.68
CA HIS A 1007 -2.04 3.01 -18.26
C HIS A 1007 -1.02 2.24 -19.09
N ILE A 1008 -1.25 0.95 -19.28
CA ILE A 1008 -0.28 0.14 -20.01
C ILE A 1008 -0.25 0.56 -21.48
N ILE A 1009 -1.40 0.93 -22.04
CA ILE A 1009 -1.42 1.42 -23.41
C ILE A 1009 -0.62 2.71 -23.53
N MET A 1010 -0.79 3.62 -22.57
CA MET A 1010 -0.02 4.87 -22.60
C MET A 1010 1.47 4.58 -22.54
N ILE A 1011 1.86 3.67 -21.65
CA ILE A 1011 3.28 3.37 -21.49
C ILE A 1011 3.84 2.71 -22.74
N ILE A 1012 3.17 1.67 -23.24
CA ILE A 1012 3.69 0.92 -24.36
C ILE A 1012 3.75 1.79 -25.62
N GLU A 1013 2.68 2.57 -25.86
CA GLU A 1013 2.69 3.44 -27.03
C GLU A 1013 3.70 4.57 -26.87
N LYS A 1014 3.92 5.04 -25.65
CA LYS A 1014 4.85 6.14 -25.44
C LYS A 1014 6.22 5.80 -26.01
N THR A 1015 6.78 6.74 -26.77
CA THR A 1015 8.06 6.56 -27.44
C THR A 1015 9.12 7.45 -26.80
N PRO A 1016 10.39 7.10 -26.96
CA PRO A 1016 11.46 7.91 -26.36
C PRO A 1016 11.85 9.08 -27.25
N LEU A 1017 12.55 10.03 -26.64
CA LEU A 1017 13.13 11.14 -27.39
C LEU A 1017 14.36 10.70 -28.19
N ILE A 1018 14.98 9.59 -27.80
CA ILE A 1018 16.12 9.03 -28.52
C ILE A 1018 15.82 7.55 -28.74
N ASP A 1019 15.54 7.16 -29.98
CA ASP A 1019 15.18 5.79 -30.31
C ASP A 1019 16.44 4.96 -30.46
N SER A 1020 16.81 4.23 -29.40
CA SER A 1020 17.98 3.38 -29.45
C SER A 1020 17.88 2.32 -30.54
N TYR A 1021 16.66 2.01 -30.97
CA TYR A 1021 16.43 1.01 -32.00
C TYR A 1021 16.50 1.59 -33.42
N SER A 1022 16.66 2.91 -33.56
CA SER A 1022 16.72 3.51 -34.88
C SER A 1022 18.05 3.19 -35.53
N THR A 1023 18.02 2.46 -36.65
CA THR A 1023 19.25 2.06 -37.32
C THR A 1023 19.93 3.23 -38.02
N GLU A 1024 19.19 4.27 -38.39
CA GLU A 1024 19.79 5.42 -39.04
C GLU A 1024 20.63 6.22 -38.06
N GLY A 1025 21.76 6.72 -38.52
CA GLY A 1025 22.67 7.51 -37.72
C GLY A 1025 24.09 7.36 -38.22
N LEU A 1026 24.87 8.43 -38.07
CA LEU A 1026 26.25 8.43 -38.51
C LEU A 1026 27.04 7.40 -37.73
N MET A 1027 27.57 6.40 -38.43
CA MET A 1027 28.30 5.30 -37.82
C MET A 1027 29.64 5.15 -38.52
N PRO A 1028 30.59 6.05 -38.23
CA PRO A 1028 31.90 5.95 -38.87
C PRO A 1028 32.59 4.64 -38.54
N ASN A 1029 33.42 4.17 -39.47
CA ASN A 1029 34.03 2.86 -39.32
C ASN A 1029 34.87 2.77 -38.05
N THR A 1030 35.65 3.81 -37.75
CA THR A 1030 36.53 3.81 -36.59
C THR A 1030 36.40 5.13 -35.85
N LEU A 1031 36.70 5.08 -34.55
CA LEU A 1031 36.63 6.26 -33.70
C LEU A 1031 37.99 6.93 -33.60
N GLU A 1032 37.99 8.26 -33.64
CA GLU A 1032 39.21 9.03 -33.58
C GLU A 1032 39.69 9.31 -32.16
N GLY A 1033 38.88 8.98 -31.16
CA GLY A 1033 39.25 9.27 -29.79
C GLY A 1033 39.37 10.74 -29.48
N ASN A 1034 38.61 11.58 -30.17
CA ASN A 1034 38.61 13.02 -29.96
C ASN A 1034 37.26 13.42 -29.36
N VAL A 1035 37.30 14.19 -28.28
CA VAL A 1035 36.09 14.66 -27.60
C VAL A 1035 36.23 16.14 -27.35
N THR A 1036 35.13 16.88 -27.55
CA THR A 1036 35.09 18.32 -27.27
C THR A 1036 33.73 18.64 -26.70
N PHE A 1037 33.69 19.00 -25.41
CA PHE A 1037 32.46 19.40 -24.73
C PHE A 1037 32.56 20.89 -24.42
N GLY A 1038 31.76 21.69 -25.11
CA GLY A 1038 31.81 23.13 -24.94
C GLY A 1038 30.44 23.73 -24.73
N GLU A 1039 30.33 24.60 -23.71
CA GLU A 1039 29.09 25.32 -23.42
C GLU A 1039 27.94 24.38 -23.10
N VAL A 1040 28.22 23.12 -22.81
CA VAL A 1040 27.17 22.14 -22.55
C VAL A 1040 26.52 22.48 -21.22
N VAL A 1041 25.30 22.99 -21.27
CA VAL A 1041 24.53 23.33 -20.07
C VAL A 1041 23.64 22.15 -19.74
N PHE A 1042 23.74 21.65 -18.50
CA PHE A 1042 23.02 20.46 -18.07
C PHE A 1042 21.98 20.86 -17.03
N ASN A 1043 20.72 20.57 -17.33
CA ASN A 1043 19.62 20.77 -16.40
C ASN A 1043 18.85 19.46 -16.32
N TYR A 1044 18.90 18.80 -15.18
CA TYR A 1044 18.23 17.52 -15.04
C TYR A 1044 16.72 17.70 -15.20
N PRO A 1045 16.03 16.78 -15.88
CA PRO A 1045 14.57 16.87 -15.96
C PRO A 1045 13.90 16.73 -14.61
N THR A 1046 14.57 16.14 -13.62
CA THR A 1046 13.99 16.06 -12.28
C THR A 1046 13.82 17.45 -11.69
N ARG A 1047 14.84 18.30 -11.82
CA ARG A 1047 14.83 19.67 -11.30
C ARG A 1047 15.34 20.62 -12.39
N PRO A 1048 14.57 20.82 -13.45
CA PRO A 1048 15.02 21.72 -14.54
C PRO A 1048 15.23 23.15 -14.09
N ASP A 1049 14.65 23.55 -12.96
CA ASP A 1049 14.89 24.87 -12.38
C ASP A 1049 16.20 24.95 -11.61
N ILE A 1050 16.97 23.86 -11.59
CA ILE A 1050 18.25 23.81 -10.87
C ILE A 1050 19.32 23.33 -11.84
N PRO A 1051 19.89 24.20 -12.67
CA PRO A 1051 20.92 23.75 -13.61
C PRO A 1051 22.13 23.18 -12.88
N VAL A 1052 22.75 22.16 -13.49
CA VAL A 1052 23.89 21.50 -12.88
C VAL A 1052 25.18 21.71 -13.66
N LEU A 1053 25.11 21.90 -14.98
CA LEU A 1053 26.29 22.20 -15.79
C LEU A 1053 26.19 23.63 -16.30
N GLN A 1054 27.26 24.40 -16.09
CA GLN A 1054 27.29 25.83 -16.42
C GLN A 1054 27.95 26.07 -17.76
N GLY A 1055 27.75 25.16 -18.72
CA GLY A 1055 28.37 25.29 -20.02
C GLY A 1055 29.88 25.20 -19.95
N LEU A 1056 30.39 24.21 -19.21
CA LEU A 1056 31.83 24.05 -19.07
C LEU A 1056 32.47 23.82 -20.44
N SER A 1057 33.80 23.90 -20.46
CA SER A 1057 34.58 23.75 -21.68
C SER A 1057 35.72 22.79 -21.43
N LEU A 1058 35.92 21.86 -22.36
CA LEU A 1058 37.00 20.88 -22.23
C LEU A 1058 37.13 20.11 -23.53
N GLU A 1059 38.31 19.52 -23.73
CA GLU A 1059 38.58 18.71 -24.90
C GLU A 1059 39.64 17.67 -24.55
N VAL A 1060 39.55 16.51 -25.18
CA VAL A 1060 40.51 15.42 -25.01
C VAL A 1060 40.84 14.85 -26.37
N LYS A 1061 42.11 14.54 -26.57
CA LYS A 1061 42.60 14.04 -27.85
C LYS A 1061 42.67 12.51 -27.83
N LYS A 1062 42.94 11.94 -29.00
CA LYS A 1062 43.05 10.49 -29.12
C LYS A 1062 44.13 9.97 -28.18
N GLY A 1063 43.80 8.90 -27.45
CA GLY A 1063 44.74 8.34 -26.49
C GLY A 1063 45.13 9.32 -25.42
N GLN A 1064 44.19 10.13 -24.95
CA GLN A 1064 44.45 11.14 -23.93
C GLN A 1064 43.68 10.79 -22.66
N THR A 1065 44.38 10.76 -21.54
CA THR A 1065 43.79 10.44 -20.25
C THR A 1065 43.53 11.75 -19.51
N LEU A 1066 42.26 12.05 -19.28
CA LEU A 1066 41.85 13.26 -18.59
C LEU A 1066 41.22 12.91 -17.24
N ALA A 1067 41.39 13.80 -16.28
CA ALA A 1067 40.85 13.62 -14.94
C ALA A 1067 40.00 14.84 -14.57
N LEU A 1068 39.05 14.62 -13.67
CA LEU A 1068 38.11 15.66 -13.27
C LEU A 1068 38.37 16.12 -11.85
N VAL A 1069 38.06 17.39 -11.60
CA VAL A 1069 38.21 17.99 -10.28
C VAL A 1069 36.88 18.64 -9.88
N GLY A 1070 35.78 18.06 -10.34
CA GLY A 1070 34.48 18.66 -10.10
C GLY A 1070 34.12 18.70 -8.64
N SER A 1071 33.14 19.55 -8.33
CA SER A 1071 32.69 19.77 -6.96
C SER A 1071 31.56 18.81 -6.61
N SER A 1072 31.36 18.62 -5.30
CA SER A 1072 30.32 17.73 -4.80
C SER A 1072 28.97 18.09 -5.38
N GLY A 1073 28.29 17.09 -5.96
CA GLY A 1073 26.96 17.27 -6.50
C GLY A 1073 26.85 18.45 -7.44
N CYS A 1074 27.91 18.69 -8.22
CA CYS A 1074 27.91 19.74 -9.23
C CYS A 1074 28.01 19.18 -10.64
N GLY A 1075 27.78 17.90 -10.82
CA GLY A 1075 27.91 17.27 -12.12
C GLY A 1075 29.33 16.85 -12.47
N LYS A 1076 30.19 16.68 -11.47
CA LYS A 1076 31.55 16.22 -11.76
C LYS A 1076 31.53 14.94 -12.58
N SER A 1077 30.80 13.94 -12.11
CA SER A 1077 30.65 12.69 -12.85
C SER A 1077 29.65 12.81 -13.99
N THR A 1078 28.79 13.83 -13.97
CA THR A 1078 27.74 13.91 -14.98
C THR A 1078 28.30 14.03 -16.39
N VAL A 1079 29.53 14.53 -16.53
CA VAL A 1079 30.15 14.62 -17.85
C VAL A 1079 30.27 13.25 -18.47
N VAL A 1080 30.59 12.24 -17.67
CA VAL A 1080 30.51 10.87 -18.16
C VAL A 1080 29.05 10.49 -18.40
N GLN A 1081 28.17 10.82 -17.46
CA GLN A 1081 26.76 10.53 -17.66
C GLN A 1081 26.26 11.11 -18.97
N LEU A 1082 26.49 12.41 -19.20
CA LEU A 1082 26.16 12.99 -20.50
C LEU A 1082 26.96 12.32 -21.60
N LEU A 1083 28.24 12.05 -21.36
CA LEU A 1083 29.04 11.30 -22.32
C LEU A 1083 28.40 9.95 -22.59
N GLU A 1084 27.74 9.36 -21.59
CA GLU A 1084 27.02 8.11 -21.78
C GLU A 1084 25.82 8.26 -22.69
N ARG A 1085 25.42 9.49 -23.01
CA ARG A 1085 24.26 9.77 -23.84
C ARG A 1085 22.95 9.45 -23.14
N PHE A 1086 22.99 9.29 -21.81
CA PHE A 1086 21.77 9.06 -21.06
C PHE A 1086 20.83 10.24 -21.15
N TYR A 1087 21.32 11.40 -21.57
CA TYR A 1087 20.51 12.58 -21.79
C TYR A 1087 21.02 13.27 -23.05
N ASP A 1088 20.56 14.50 -23.27
CA ASP A 1088 21.06 15.35 -24.33
C ASP A 1088 21.46 16.70 -23.76
N PRO A 1089 22.45 17.35 -24.36
CA PRO A 1089 22.89 18.66 -23.83
C PRO A 1089 21.80 19.70 -24.00
N LEU A 1090 21.36 20.28 -22.89
CA LEU A 1090 20.29 21.28 -22.95
C LEU A 1090 20.70 22.46 -23.80
N ALA A 1091 21.91 22.97 -23.58
CA ALA A 1091 22.44 24.08 -24.35
C ALA A 1091 23.94 23.90 -24.48
N GLY A 1092 24.48 24.26 -25.65
CA GLY A 1092 25.89 24.11 -25.91
C GLY A 1092 26.18 23.07 -26.96
N LYS A 1093 27.16 22.20 -26.70
CA LYS A 1093 27.48 21.14 -27.65
C LYS A 1093 28.49 20.20 -27.04
N VAL A 1094 28.39 18.93 -27.42
CA VAL A 1094 29.40 17.91 -27.13
C VAL A 1094 29.57 17.08 -28.39
N LEU A 1095 30.81 16.95 -28.87
CA LEU A 1095 31.09 16.25 -30.10
C LEU A 1095 32.21 15.25 -29.87
N LEU A 1096 32.18 14.15 -30.63
CA LEU A 1096 33.18 13.10 -30.54
C LEU A 1096 33.82 12.88 -31.90
N ASP A 1097 35.14 12.98 -31.94
CA ASP A 1097 35.91 12.73 -33.16
C ASP A 1097 35.28 13.43 -34.36
N GLY A 1098 34.84 14.67 -34.14
CA GLY A 1098 34.18 15.40 -35.20
C GLY A 1098 32.94 14.71 -35.72
N LYS A 1099 32.20 14.02 -34.87
CA LYS A 1099 30.99 13.32 -35.24
C LYS A 1099 29.84 13.84 -34.40
N GLU A 1100 28.76 14.26 -35.07
CA GLU A 1100 27.61 14.79 -34.36
C GLU A 1100 27.10 13.76 -33.36
N ILE A 1101 27.17 14.11 -32.08
CA ILE A 1101 26.66 13.20 -31.04
C ILE A 1101 25.20 12.89 -31.30
N LYS A 1102 24.41 13.90 -31.66
CA LYS A 1102 23.02 13.67 -32.04
C LYS A 1102 22.94 12.77 -33.27
N ARG A 1103 23.80 13.01 -34.25
CA ARG A 1103 23.78 12.21 -35.48
C ARG A 1103 24.37 10.82 -35.28
N LEU A 1104 25.29 10.67 -34.34
CA LEU A 1104 25.90 9.37 -34.09
C LEU A 1104 24.83 8.38 -33.63
N ASN A 1105 24.85 7.19 -34.23
CA ASN A 1105 23.88 6.17 -33.88
C ASN A 1105 23.99 5.82 -32.41
N VAL A 1106 22.85 5.79 -31.71
CA VAL A 1106 22.86 5.50 -30.29
C VAL A 1106 23.50 4.14 -30.04
N GLN A 1107 23.20 3.15 -30.88
CA GLN A 1107 23.78 1.83 -30.70
C GLN A 1107 25.29 1.88 -30.80
N TRP A 1108 25.82 2.50 -31.86
CA TRP A 1108 27.26 2.52 -32.06
C TRP A 1108 27.96 3.27 -30.93
N LEU A 1109 27.45 4.46 -30.59
CA LEU A 1109 28.09 5.24 -29.53
C LEU A 1109 28.06 4.50 -28.21
N ARG A 1110 26.90 3.93 -27.86
CA ARG A 1110 26.80 3.18 -26.60
C ARG A 1110 27.74 1.99 -26.60
N ALA A 1111 27.95 1.35 -27.74
CA ALA A 1111 28.84 0.19 -27.79
C ALA A 1111 30.30 0.61 -27.65
N HIS A 1112 30.69 1.66 -28.37
CA HIS A 1112 32.10 2.02 -28.46
C HIS A 1112 32.65 2.61 -27.16
N LEU A 1113 31.80 2.92 -26.19
CA LEU A 1113 32.23 3.60 -24.97
C LEU A 1113 32.31 2.60 -23.81
N GLY A 1114 33.47 2.56 -23.17
CA GLY A 1114 33.67 1.76 -21.97
C GLY A 1114 33.36 2.52 -20.69
N ILE A 1115 32.09 2.75 -20.41
CA ILE A 1115 31.71 3.48 -19.21
C ILE A 1115 31.86 2.57 -17.99
N VAL A 1116 32.38 3.13 -16.90
CA VAL A 1116 32.51 2.42 -15.63
C VAL A 1116 31.77 3.23 -14.57
N SER A 1117 30.78 2.62 -13.94
CA SER A 1117 29.93 3.32 -12.99
C SER A 1117 30.62 3.44 -11.63
N GLN A 1118 30.05 4.31 -10.78
CA GLN A 1118 30.61 4.52 -9.45
C GLN A 1118 30.32 3.36 -8.52
N GLU A 1119 29.17 2.71 -8.67
CA GLU A 1119 28.83 1.49 -7.93
C GLU A 1119 28.29 0.47 -8.91
N PRO A 1120 29.13 -0.04 -9.82
CA PRO A 1120 28.64 -0.93 -10.87
C PRO A 1120 27.89 -2.13 -10.33
N ILE A 1121 26.60 -2.21 -10.63
CA ILE A 1121 25.80 -3.36 -10.22
C ILE A 1121 26.08 -4.53 -11.13
N LEU A 1122 25.70 -5.72 -10.68
CA LEU A 1122 25.87 -6.94 -11.46
C LEU A 1122 24.68 -7.86 -11.22
N PHE A 1123 24.24 -8.53 -12.28
CA PHE A 1123 23.17 -9.51 -12.15
C PHE A 1123 23.63 -10.67 -11.27
N ASP A 1124 22.72 -11.17 -10.44
CA ASP A 1124 23.04 -12.25 -9.50
C ASP A 1124 22.97 -13.59 -10.25
N CYS A 1125 24.00 -13.83 -11.05
CA CYS A 1125 24.11 -15.04 -11.85
C CYS A 1125 25.57 -15.47 -11.86
N SER A 1126 25.90 -16.40 -12.76
CA SER A 1126 27.28 -16.85 -12.87
C SER A 1126 28.18 -15.68 -13.25
N ILE A 1127 29.36 -15.62 -12.61
CA ILE A 1127 30.31 -14.55 -12.90
C ILE A 1127 30.71 -14.59 -14.37
N ALA A 1128 30.81 -15.78 -14.95
CA ALA A 1128 31.15 -15.90 -16.36
C ALA A 1128 30.17 -15.10 -17.22
N GLU A 1129 28.87 -15.31 -16.99
CA GLU A 1129 27.87 -14.57 -17.76
C GLU A 1129 27.97 -13.07 -17.49
N ASN A 1130 28.16 -12.69 -16.23
CA ASN A 1130 28.24 -11.28 -15.89
C ASN A 1130 29.36 -10.59 -16.66
N ILE A 1131 30.54 -11.21 -16.69
CA ILE A 1131 31.65 -10.63 -17.44
C ILE A 1131 31.35 -10.66 -18.93
N ALA A 1132 30.76 -11.75 -19.42
CA ALA A 1132 30.51 -11.89 -20.84
C ALA A 1132 29.46 -10.88 -21.32
N TYR A 1133 28.45 -10.61 -20.49
CA TYR A 1133 27.33 -9.80 -20.93
C TYR A 1133 27.76 -8.42 -21.43
N GLY A 1134 28.89 -7.91 -20.95
CA GLY A 1134 29.35 -6.60 -21.42
C GLY A 1134 29.59 -6.58 -22.91
N ASP A 1135 30.21 -7.62 -23.44
CA ASP A 1135 30.56 -7.69 -24.85
C ASP A 1135 29.36 -8.20 -25.66
N ASN A 1136 28.35 -7.35 -25.75
CA ASN A 1136 27.16 -7.68 -26.51
C ASN A 1136 27.46 -7.60 -28.01
N SER A 1137 26.54 -8.14 -28.81
CA SER A 1137 26.62 -8.12 -30.27
C SER A 1137 27.69 -9.06 -30.80
N ARG A 1138 28.15 -10.01 -29.99
CA ARG A 1138 29.17 -10.96 -30.43
C ARG A 1138 29.42 -11.94 -29.30
N VAL A 1139 30.09 -13.04 -29.65
CA VAL A 1139 30.51 -14.04 -28.67
C VAL A 1139 31.92 -13.72 -28.21
N VAL A 1140 32.13 -13.75 -26.90
CA VAL A 1140 33.44 -13.53 -26.30
C VAL A 1140 33.92 -14.86 -25.74
N SER A 1141 34.98 -15.41 -26.32
CA SER A 1141 35.48 -16.71 -25.92
C SER A 1141 35.97 -16.70 -24.49
N GLN A 1142 35.94 -17.87 -23.85
CA GLN A 1142 36.41 -17.97 -22.47
C GLN A 1142 37.86 -17.51 -22.36
N GLU A 1143 38.64 -17.65 -23.44
CA GLU A 1143 40.01 -17.13 -23.43
C GLU A 1143 40.02 -15.61 -23.32
N GLU A 1144 39.12 -14.93 -24.04
CA GLU A 1144 39.02 -13.48 -23.93
C GLU A 1144 38.60 -13.07 -22.52
N ILE A 1145 37.65 -13.81 -21.94
CA ILE A 1145 37.23 -13.51 -20.57
C ILE A 1145 38.38 -13.69 -19.60
N VAL A 1146 39.17 -14.75 -19.78
CA VAL A 1146 40.31 -14.98 -18.91
C VAL A 1146 41.33 -13.85 -19.06
N ARG A 1147 41.58 -13.43 -20.30
CA ARG A 1147 42.51 -12.32 -20.52
C ARG A 1147 42.02 -11.05 -19.84
N ALA A 1148 40.73 -10.76 -19.95
CA ALA A 1148 40.18 -9.57 -19.30
C ALA A 1148 40.30 -9.68 -17.79
N ALA A 1149 40.00 -10.85 -17.23
CA ALA A 1149 40.11 -11.01 -15.78
C ALA A 1149 41.55 -10.81 -15.32
N LYS A 1150 42.51 -11.35 -16.08
CA LYS A 1150 43.92 -11.12 -15.75
C LYS A 1150 44.26 -9.64 -15.84
N GLU A 1151 43.72 -8.94 -16.83
CA GLU A 1151 43.94 -7.51 -16.95
C GLU A 1151 43.42 -6.78 -15.72
N ALA A 1152 42.25 -7.19 -15.23
CA ALA A 1152 41.68 -6.58 -14.03
C ALA A 1152 42.21 -7.20 -12.75
N ASN A 1153 43.12 -8.16 -12.83
CA ASN A 1153 43.68 -8.82 -11.66
C ASN A 1153 42.61 -9.63 -10.92
N ILE A 1154 41.64 -10.16 -11.67
CA ILE A 1154 40.60 -10.99 -11.09
C ILE A 1154 40.68 -12.44 -11.54
N HIS A 1155 41.49 -12.75 -12.56
CA HIS A 1155 41.58 -14.12 -13.04
C HIS A 1155 42.10 -15.04 -11.95
N ALA A 1156 43.12 -14.60 -11.21
CA ALA A 1156 43.64 -15.41 -10.12
C ALA A 1156 42.60 -15.62 -9.03
N PHE A 1157 41.88 -14.56 -8.67
CA PHE A 1157 40.85 -14.68 -7.64
C PHE A 1157 39.76 -15.67 -8.07
N ILE A 1158 39.34 -15.59 -9.33
CA ILE A 1158 38.34 -16.53 -9.83
C ILE A 1158 38.90 -17.95 -9.79
N GLU A 1159 40.16 -18.12 -10.21
CA GLU A 1159 40.76 -19.45 -10.19
C GLU A 1159 40.77 -20.04 -8.80
N SER A 1160 41.15 -19.24 -7.81
CA SER A 1160 41.08 -19.70 -6.42
C SER A 1160 39.66 -20.01 -6.00
N LEU A 1161 38.69 -19.29 -6.54
CA LEU A 1161 37.29 -19.51 -6.18
C LEU A 1161 36.81 -20.83 -6.78
N PRO A 1162 36.21 -21.73 -6.00
CA PRO A 1162 35.69 -22.96 -6.58
C PRO A 1162 34.62 -22.66 -7.62
N ASN A 1163 34.57 -23.50 -8.65
CA ASN A 1163 33.70 -23.38 -9.82
C ASN A 1163 34.24 -22.32 -10.77
N LYS A 1164 35.32 -21.62 -10.42
CA LYS A 1164 35.96 -20.62 -11.28
C LYS A 1164 34.90 -19.61 -11.73
N TYR A 1165 34.78 -19.31 -13.02
CA TYR A 1165 33.86 -18.29 -13.49
C TYR A 1165 32.39 -18.72 -13.41
N SER A 1166 32.11 -19.98 -13.10
CA SER A 1166 30.75 -20.49 -13.08
C SER A 1166 30.04 -20.25 -11.75
N THR A 1167 30.74 -19.72 -10.75
CA THR A 1167 30.12 -19.52 -9.45
C THR A 1167 28.94 -18.58 -9.56
N LYS A 1168 27.84 -18.94 -8.90
CA LYS A 1168 26.61 -18.15 -8.91
C LYS A 1168 26.84 -16.88 -8.10
N VAL A 1169 27.20 -15.79 -8.76
CA VAL A 1169 27.50 -14.55 -8.06
C VAL A 1169 26.29 -14.12 -7.24
N GLY A 1170 26.52 -13.82 -5.96
CA GLY A 1170 25.44 -13.40 -5.09
C GLY A 1170 24.82 -12.10 -5.55
N ASP A 1171 23.66 -11.81 -4.98
CA ASP A 1171 22.93 -10.60 -5.33
C ASP A 1171 23.78 -9.37 -5.07
N LYS A 1172 23.87 -8.51 -6.07
CA LYS A 1172 24.66 -7.27 -6.00
C LYS A 1172 26.14 -7.55 -5.71
N GLY A 1173 26.60 -8.77 -5.98
CA GLY A 1173 27.97 -9.12 -5.70
C GLY A 1173 28.31 -9.24 -4.22
N THR A 1174 27.32 -9.50 -3.37
CA THR A 1174 27.58 -9.60 -1.94
C THR A 1174 28.48 -10.80 -1.63
N GLN A 1175 28.25 -11.93 -2.31
CA GLN A 1175 29.07 -13.11 -2.05
C GLN A 1175 30.55 -12.85 -2.32
N LEU A 1176 30.86 -11.83 -3.11
CA LEU A 1176 32.23 -11.44 -3.40
C LEU A 1176 32.55 -10.11 -2.72
N SER A 1177 33.82 -9.91 -2.39
CA SER A 1177 34.24 -8.68 -1.77
C SER A 1177 33.99 -7.50 -2.69
N GLY A 1178 33.73 -6.34 -2.08
CA GLY A 1178 33.45 -5.15 -2.88
C GLY A 1178 34.57 -4.85 -3.85
N GLY A 1179 35.82 -4.94 -3.40
CA GLY A 1179 36.94 -4.79 -4.32
C GLY A 1179 36.90 -5.81 -5.44
N GLN A 1180 36.52 -7.06 -5.12
CA GLN A 1180 36.39 -8.07 -6.14
C GLN A 1180 35.31 -7.70 -7.14
N LYS A 1181 34.17 -7.20 -6.66
CA LYS A 1181 33.10 -6.81 -7.57
C LYS A 1181 33.54 -5.66 -8.47
N GLN A 1182 34.23 -4.67 -7.92
CA GLN A 1182 34.71 -3.56 -8.73
C GLN A 1182 35.71 -4.03 -9.77
N ARG A 1183 36.61 -4.94 -9.38
CA ARG A 1183 37.57 -5.48 -10.34
C ARG A 1183 36.85 -6.24 -11.44
N ILE A 1184 35.83 -7.00 -11.09
CA ILE A 1184 35.06 -7.74 -12.10
C ILE A 1184 34.39 -6.78 -13.06
N ALA A 1185 33.81 -5.69 -12.52
CA ALA A 1185 33.17 -4.70 -13.39
C ALA A 1185 34.18 -4.05 -14.32
N ILE A 1186 35.37 -3.73 -13.80
CA ILE A 1186 36.40 -3.12 -14.62
C ILE A 1186 36.83 -4.09 -15.73
N ALA A 1187 36.97 -5.36 -15.38
CA ALA A 1187 37.30 -6.36 -16.40
C ALA A 1187 36.22 -6.44 -17.46
N ARG A 1188 34.96 -6.43 -17.05
CA ARG A 1188 33.87 -6.45 -18.01
C ARG A 1188 33.96 -5.24 -18.94
N ALA A 1189 34.21 -4.07 -18.37
CA ALA A 1189 34.37 -2.87 -19.19
C ALA A 1189 35.50 -3.04 -20.20
N LEU A 1190 36.63 -3.59 -19.75
CA LEU A 1190 37.74 -3.84 -20.66
C LEU A 1190 37.39 -4.93 -21.67
N VAL A 1191 36.34 -5.72 -21.42
CA VAL A 1191 35.99 -6.81 -22.34
C VAL A 1191 35.66 -6.27 -23.72
N ARG A 1192 34.91 -5.18 -23.77
CA ARG A 1192 34.51 -4.58 -25.05
C ARG A 1192 35.64 -3.80 -25.71
N GLN A 1193 36.86 -3.87 -25.18
CA GLN A 1193 38.01 -3.17 -25.73
C GLN A 1193 37.62 -1.74 -26.11
N PRO A 1194 37.04 -0.98 -25.19
CA PRO A 1194 36.56 0.36 -25.54
C PRO A 1194 37.69 1.26 -26.01
N HIS A 1195 37.39 2.06 -27.04
CA HIS A 1195 38.34 3.07 -27.49
C HIS A 1195 38.41 4.22 -26.50
N ILE A 1196 37.26 4.70 -26.02
CA ILE A 1196 37.18 5.74 -25.02
C ILE A 1196 36.48 5.16 -23.80
N LEU A 1197 37.10 5.30 -22.63
CA LEU A 1197 36.62 4.68 -21.41
C LEU A 1197 36.46 5.73 -20.32
N LEU A 1198 35.67 5.38 -19.31
CA LEU A 1198 35.39 6.28 -18.21
C LEU A 1198 35.32 5.50 -16.91
N LEU A 1199 35.96 6.03 -15.88
CA LEU A 1199 35.95 5.45 -14.54
C LEU A 1199 35.55 6.54 -13.54
N ASP A 1200 34.72 6.17 -12.57
CA ASP A 1200 34.16 7.13 -11.62
C ASP A 1200 34.32 6.60 -10.21
N GLU A 1201 35.18 7.26 -9.43
CA GLU A 1201 35.33 6.97 -8.00
C GLU A 1201 35.54 5.47 -7.76
N ALA A 1202 36.27 4.83 -8.68
CA ALA A 1202 36.49 3.39 -8.58
C ALA A 1202 37.52 3.03 -7.51
N THR A 1203 38.32 3.98 -7.06
CA THR A 1203 39.44 3.67 -6.14
C THR A 1203 38.98 3.75 -4.68
N SER A 1204 38.45 4.91 -4.27
CA SER A 1204 38.09 5.14 -2.88
C SER A 1204 39.25 4.73 -1.98
N ALA A 1205 39.00 3.87 -0.99
CA ALA A 1205 40.04 3.13 -0.32
C ALA A 1205 40.13 1.70 -0.88
N LEU A 1206 39.01 0.98 -0.86
CA LEU A 1206 38.81 -0.21 -1.67
C LEU A 1206 39.99 -1.16 -1.64
N ASP A 1207 40.30 -1.72 -0.47
CA ASP A 1207 41.42 -2.66 -0.35
C ASP A 1207 42.70 -1.99 -0.84
N THR A 1208 43.07 -0.93 -0.11
CA THR A 1208 44.08 0.02 -0.55
C THR A 1208 45.18 -0.64 -1.37
N GLU A 1209 45.67 -1.80 -0.90
CA GLU A 1209 46.61 -2.57 -1.72
C GLU A 1209 45.95 -3.05 -3.00
N SER A 1210 44.78 -3.67 -2.89
CA SER A 1210 44.07 -4.13 -4.08
C SER A 1210 43.65 -2.96 -4.96
N GLU A 1211 43.21 -1.86 -4.33
CA GLU A 1211 42.83 -0.69 -5.11
C GLU A 1211 44.02 -0.13 -5.89
N LYS A 1212 45.19 -0.07 -5.24
CA LYS A 1212 46.38 0.39 -5.93
C LYS A 1212 46.76 -0.56 -7.07
N VAL A 1213 46.63 -1.86 -6.84
CA VAL A 1213 46.93 -2.82 -7.90
C VAL A 1213 45.99 -2.61 -9.08
N VAL A 1214 44.71 -2.41 -8.81
CA VAL A 1214 43.73 -2.23 -9.88
C VAL A 1214 44.02 -0.94 -10.64
N GLN A 1215 44.33 0.13 -9.92
CA GLN A 1215 44.64 1.39 -10.59
C GLN A 1215 45.90 1.25 -11.44
N GLU A 1216 46.91 0.56 -10.93
CA GLU A 1216 48.13 0.35 -11.72
C GLU A 1216 47.84 -0.45 -12.97
N ALA A 1217 47.01 -1.49 -12.86
CA ALA A 1217 46.65 -2.27 -14.04
C ALA A 1217 45.91 -1.40 -15.06
N LEU A 1218 44.96 -0.59 -14.57
CA LEU A 1218 44.21 0.28 -15.48
C LEU A 1218 45.14 1.26 -16.19
N ASP A 1219 46.10 1.82 -15.46
CA ASP A 1219 47.08 2.71 -16.08
C ASP A 1219 47.92 1.96 -17.11
N LYS A 1220 48.34 0.75 -16.78
CA LYS A 1220 49.12 -0.05 -17.72
C LYS A 1220 48.33 -0.35 -18.98
N ALA A 1221 47.00 -0.48 -18.86
CA ALA A 1221 46.13 -0.73 -20.01
C ALA A 1221 45.45 0.54 -20.49
N ARG A 1222 46.05 1.71 -20.22
CA ARG A 1222 45.49 2.97 -20.67
C ARG A 1222 45.96 3.36 -22.07
N GLU A 1223 46.91 2.63 -22.64
CA GLU A 1223 47.39 2.94 -23.98
C GLU A 1223 46.32 2.63 -25.02
N GLY A 1224 46.40 3.32 -26.15
CA GLY A 1224 45.46 3.09 -27.23
C GLY A 1224 44.01 3.35 -26.85
N ARG A 1225 43.78 4.18 -25.84
CA ARG A 1225 42.43 4.52 -25.42
C ARG A 1225 42.49 5.76 -24.53
N THR A 1226 41.48 6.61 -24.65
CA THR A 1226 41.38 7.83 -23.86
C THR A 1226 40.46 7.55 -22.67
N CYS A 1227 40.99 7.74 -21.47
CA CYS A 1227 40.28 7.41 -20.24
C CYS A 1227 39.95 8.69 -19.48
N ILE A 1228 38.67 8.86 -19.14
CA ILE A 1228 38.22 9.97 -18.31
C ILE A 1228 37.98 9.42 -16.90
N VAL A 1229 38.73 9.94 -15.93
CA VAL A 1229 38.76 9.39 -14.58
C VAL A 1229 38.29 10.46 -13.60
N ILE A 1230 37.39 10.05 -12.71
CA ILE A 1230 36.97 10.86 -11.58
C ILE A 1230 37.30 10.09 -10.31
N ALA A 1231 38.07 10.72 -9.42
CA ALA A 1231 38.57 10.03 -8.24
C ALA A 1231 38.87 11.03 -7.14
N HIS A 1232 39.04 10.51 -5.93
CA HIS A 1232 39.43 11.30 -4.77
C HIS A 1232 40.87 11.04 -4.35
N ARG A 1233 41.61 10.22 -5.10
CA ARG A 1233 43.00 9.92 -4.80
C ARG A 1233 43.89 10.91 -5.53
N LEU A 1234 44.73 11.63 -4.79
CA LEU A 1234 45.56 12.67 -5.39
C LEU A 1234 46.50 12.09 -6.45
N SER A 1235 47.18 11.00 -6.11
CA SER A 1235 48.24 10.47 -6.98
C SER A 1235 47.67 9.98 -8.31
N THR A 1236 46.47 9.40 -8.30
CA THR A 1236 45.87 8.96 -9.55
C THR A 1236 45.56 10.15 -10.47
N ILE A 1237 45.08 11.25 -9.89
CA ILE A 1237 44.84 12.45 -10.69
C ILE A 1237 46.14 12.97 -11.27
N GLN A 1238 47.21 12.97 -10.46
CA GLN A 1238 48.51 13.42 -10.96
C GLN A 1238 49.05 12.49 -12.04
N ASN A 1239 48.76 11.18 -11.95
CA ASN A 1239 49.21 10.22 -12.94
C ASN A 1239 48.50 10.38 -14.27
N ALA A 1240 47.46 11.21 -14.33
CA ALA A 1240 46.74 11.41 -15.58
C ALA A 1240 47.55 12.26 -16.55
N ASP A 1241 47.15 12.20 -17.81
CA ASP A 1241 47.75 13.04 -18.84
C ASP A 1241 47.30 14.49 -18.73
N LEU A 1242 46.08 14.73 -18.26
CA LEU A 1242 45.56 16.09 -18.14
C LEU A 1242 44.50 16.13 -17.06
N ILE A 1243 44.23 17.33 -16.56
CA ILE A 1243 43.24 17.54 -15.51
C ILE A 1243 42.36 18.73 -15.89
N VAL A 1244 41.09 18.64 -15.52
CA VAL A 1244 40.13 19.71 -15.76
C VAL A 1244 39.41 20.02 -14.47
N VAL A 1245 39.42 21.29 -14.07
CA VAL A 1245 38.80 21.72 -12.83
C VAL A 1245 37.34 22.07 -13.11
N PHE A 1246 36.55 22.11 -12.04
CA PHE A 1246 35.14 22.46 -12.12
C PHE A 1246 34.80 23.45 -11.02
N GLN A 1247 34.02 24.47 -11.37
CA GLN A 1247 33.58 25.48 -10.40
C GLN A 1247 32.17 25.88 -10.79
N ASN A 1248 31.18 25.30 -10.10
CA ASN A 1248 29.77 25.54 -10.40
C ASN A 1248 29.49 25.25 -11.87
N GLY A 1249 30.04 24.15 -12.36
CA GLY A 1249 29.86 23.77 -13.75
C GLY A 1249 30.71 24.56 -14.73
N ARG A 1250 31.69 25.33 -14.25
CA ARG A 1250 32.56 26.12 -15.10
C ARG A 1250 33.98 25.57 -15.01
N VAL A 1251 34.64 25.46 -16.16
CA VAL A 1251 36.00 24.91 -16.23
C VAL A 1251 36.94 26.02 -15.78
N LYS A 1252 37.34 26.00 -14.51
CA LYS A 1252 38.21 27.04 -13.99
C LYS A 1252 39.57 27.00 -14.67
N GLU A 1253 40.15 25.82 -14.82
CA GLU A 1253 41.46 25.69 -15.44
C GLU A 1253 41.63 24.26 -15.93
N HIS A 1254 42.64 24.05 -16.78
CA HIS A 1254 42.95 22.73 -17.30
C HIS A 1254 44.43 22.68 -17.66
N GLY A 1255 45.12 21.66 -17.17
CA GLY A 1255 46.54 21.54 -17.42
C GLY A 1255 47.12 20.38 -16.65
N THR A 1256 48.45 20.30 -16.67
CA THR A 1256 49.15 19.21 -16.00
C THR A 1256 49.13 19.41 -14.49
N HIS A 1257 49.64 18.40 -13.78
CA HIS A 1257 49.66 18.46 -12.33
C HIS A 1257 50.51 19.60 -11.82
N GLN A 1258 51.69 19.79 -12.41
CA GLN A 1258 52.59 20.83 -11.92
C GLN A 1258 52.00 22.21 -12.11
N GLN A 1259 51.51 22.52 -13.31
CA GLN A 1259 50.96 23.84 -13.57
C GLN A 1259 49.73 24.10 -12.71
N LEU A 1260 48.86 23.10 -12.58
CA LEU A 1260 47.67 23.27 -11.75
C LEU A 1260 48.04 23.52 -10.29
N LEU A 1261 48.99 22.73 -9.76
CA LEU A 1261 49.38 22.90 -8.37
C LEU A 1261 50.02 24.26 -8.14
N ALA A 1262 50.86 24.71 -9.07
CA ALA A 1262 51.56 25.98 -8.87
C ALA A 1262 50.58 27.13 -8.75
N GLN A 1263 49.56 27.16 -9.60
CA GLN A 1263 48.59 28.24 -9.58
C GLN A 1263 47.87 28.26 -8.23
N LYS A 1264 47.09 29.32 -8.02
CA LYS A 1264 46.35 29.53 -6.79
C LYS A 1264 45.00 28.84 -6.80
N GLY A 1265 44.68 28.10 -7.86
CA GLY A 1265 43.46 27.36 -8.09
C GLY A 1265 43.13 26.41 -6.96
N ILE A 1266 41.86 25.99 -6.93
CA ILE A 1266 41.40 25.09 -5.88
C ILE A 1266 42.14 23.77 -5.92
N TYR A 1267 42.78 23.43 -7.04
CA TYR A 1267 43.51 22.16 -7.13
C TYR A 1267 44.64 22.11 -6.11
N PHE A 1268 45.38 23.20 -5.96
CA PHE A 1268 46.48 23.22 -5.00
C PHE A 1268 45.96 23.02 -3.58
N SER A 1269 44.88 23.71 -3.24
CA SER A 1269 44.31 23.56 -1.89
C SER A 1269 43.82 22.14 -1.66
N MET A 1270 43.17 21.55 -2.68
CA MET A 1270 42.70 20.18 -2.55
C MET A 1270 43.86 19.21 -2.35
N VAL A 1271 44.94 19.41 -3.10
CA VAL A 1271 46.13 18.56 -2.92
C VAL A 1271 46.67 18.72 -1.51
N SER A 1272 46.78 19.96 -1.02
CA SER A 1272 47.27 20.18 0.33
C SER A 1272 46.33 19.59 1.36
N VAL A 1273 45.06 19.40 1.02
CA VAL A 1273 44.09 18.89 1.99
C VAL A 1273 44.50 17.52 2.49
N GLN A 1274 44.90 16.64 1.58
CA GLN A 1274 45.29 15.28 1.94
C GLN A 1274 46.81 15.14 1.97
#